data_7YG6
#
_entry.id   7YG6
#
loop_
_entity.id
_entity.type
_entity.pdbx_description
1 polymer piRNA
2 polymer Piwi
3 non-polymer 'MAGNESIUM ION'
#
loop_
_entity_poly.entity_id
_entity_poly.type
_entity_poly.pdbx_seq_one_letter_code
_entity_poly.pdbx_strand_id
1 'polyribonucleotide' UUACCAUCAACAUGGAAACUUGGC(OMU) B
2 'polypeptide(L)'
;MDYKDDDDKGSDYKDDDDKGSDYKDDDDKGSENLYFQGSLNVESSMVSQRGSSGQPVPVSANYLPLKGNMDGVFKYAVGF
NPPVEDIRSRSQLLNEHKELIGLTRVFDGSTLYVPKRICEQRLDLMSTRQTDGASIKVTISLVDSVKNRDVVQLMNVIFK
RILRSLKLQRIGRDYYDANSPLEVPQHKMQLWPGYVTAINRHEGGLMLVLDVSHRVMKTDTALDFLYELYHFNQDKFREE
AFKQLVGSVVLTRYNNRTYEIDDIAWDKNPRCAFQDHAGSQITFVDYYKRAYDLDITDLEQPLLIHRPKKKQRGKQDEGR
KEVEEMVCLVPELCAMTGLTDAARSDFKVMKDLAVHTRVPPEKRAESFRKFIQRLNTTKEASELLHSWGLVLDSRMLDMQ
GRRLPPEKILFKHSSIVANMEADWSRECLKEHVISAVSLLDWAVLFVRKDQGKATDFVNMLSKVCPPIGMEVHEPKMVEV
VNDRTESYLRALRELIAPRLQMVVIVFPTSRDDRYSAVKKLCCIESPIPSQVLIARTITQQQKLRSVAQKVALQMNAKLG
GELWAVEIPLKSCMVVGIDVYHDKSYGNKSIAGFVASTNPSFTRWYSRTAMQEQSQELIHELKLCMQAALKKYNEMNQSL
PERIIVFRDGVGEGREEYVSEFEVPQFNSCFSIFGENYCPKLAVVVVQKRITTRIFGRSGHSYDNPPPGVIVDHTITKSY
DFYLVSQHVRQGTVSPTYYRVIYDKSGLKPDHLQRLTYKLTHMYYNWPGTIRTPAPCKYAHKLAFLVGKSLHRDPAHELS
DRLFFL
;
A
#
# COMPACT_ATOMS: atom_id res chain seq x y z
N GLN B 49 -13.92 -21.74 12.54
CA GLN B 49 -13.50 -20.69 11.62
C GLN B 49 -13.01 -19.45 12.37
N ARG B 50 -12.70 -19.60 13.65
CA ARG B 50 -12.32 -18.48 14.50
C ARG B 50 -11.17 -18.89 15.41
N GLY B 51 -10.26 -17.95 15.67
CA GLY B 51 -9.18 -18.20 16.60
C GLY B 51 -9.68 -18.26 18.03
N SER B 52 -8.90 -18.94 18.88
CA SER B 52 -9.32 -19.22 20.25
C SER B 52 -8.23 -19.08 21.30
N SER B 53 -6.95 -18.95 20.91
CA SER B 53 -5.83 -18.96 21.85
C SER B 53 -5.17 -17.59 21.87
N GLY B 54 -5.57 -16.76 22.85
CA GLY B 54 -4.96 -15.47 23.05
C GLY B 54 -5.72 -14.69 24.09
N GLN B 55 -4.99 -14.05 24.99
CA GLN B 55 -5.63 -13.29 26.05
C GLN B 55 -6.34 -12.07 25.45
N PRO B 56 -7.61 -11.86 25.78
CA PRO B 56 -8.33 -10.72 25.18
C PRO B 56 -7.77 -9.37 25.61
N VAL B 57 -7.96 -8.39 24.73
CA VAL B 57 -7.57 -7.01 25.00
C VAL B 57 -8.76 -6.12 24.66
N PRO B 58 -8.95 -5.00 25.41
CA PRO B 58 -9.94 -4.01 24.98
C PRO B 58 -9.44 -3.16 23.82
N VAL B 59 -10.15 -3.13 22.69
CA VAL B 59 -9.74 -2.33 21.55
C VAL B 59 -10.96 -1.66 20.94
N SER B 60 -10.71 -0.76 19.99
CA SER B 60 -11.75 -0.01 19.32
C SER B 60 -11.33 0.27 17.90
N ALA B 61 -12.32 0.52 17.05
CA ALA B 61 -12.08 0.71 15.63
C ALA B 61 -13.00 1.78 15.08
N ASN B 62 -12.47 2.54 14.10
CA ASN B 62 -13.16 3.69 13.50
C ASN B 62 -14.25 3.17 12.56
N TYR B 63 -15.35 2.80 13.18
CA TYR B 63 -16.49 2.29 12.42
C TYR B 63 -17.79 2.83 13.03
N LEU B 64 -18.83 2.99 12.23
CA LEU B 64 -20.14 3.41 12.72
C LEU B 64 -21.23 2.45 12.26
N PRO B 65 -21.81 1.66 13.18
CA PRO B 65 -23.03 0.92 12.81
C PRO B 65 -24.15 1.83 12.36
N LEU B 66 -24.75 1.53 11.21
CA LEU B 66 -25.90 2.27 10.70
C LEU B 66 -27.17 1.49 10.98
N LYS B 67 -28.20 2.19 11.44
CA LYS B 67 -29.41 1.54 11.92
C LYS B 67 -30.12 0.81 10.80
N GLY B 68 -30.80 -0.29 11.17
CA GLY B 68 -31.50 -1.12 10.22
C GLY B 68 -32.94 -0.70 9.97
N ASN B 69 -33.11 0.49 9.37
CA ASN B 69 -34.39 0.91 8.80
C ASN B 69 -34.40 0.66 7.30
N MET B 70 -33.72 -0.41 6.89
CA MET B 70 -33.43 -0.65 5.47
C MET B 70 -34.69 -0.91 4.66
N ASP B 71 -35.65 -1.64 5.24
CA ASP B 71 -36.76 -2.18 4.45
C ASP B 71 -37.68 -1.09 3.88
N GLY B 72 -37.55 0.16 4.33
CA GLY B 72 -38.51 1.18 3.92
C GLY B 72 -38.46 1.51 2.44
N VAL B 73 -37.26 1.59 1.87
CA VAL B 73 -37.11 2.10 0.50
C VAL B 73 -37.81 1.17 -0.49
N PHE B 74 -38.53 1.76 -1.45
CA PHE B 74 -39.20 1.01 -2.51
C PHE B 74 -38.61 1.34 -3.86
N LYS B 75 -38.50 0.34 -4.73
CA LYS B 75 -37.87 0.46 -6.03
C LYS B 75 -38.90 0.58 -7.16
N TYR B 76 -38.68 1.57 -8.03
CA TYR B 76 -39.48 1.74 -9.24
C TYR B 76 -38.57 1.67 -10.46
N ALA B 77 -39.00 0.91 -11.46
CA ALA B 77 -38.31 0.83 -12.74
C ALA B 77 -39.05 1.71 -13.74
N VAL B 78 -38.28 2.54 -14.47
CA VAL B 78 -38.83 3.48 -15.44
C VAL B 78 -38.60 2.96 -16.85
N GLY B 79 -39.57 3.22 -17.72
CA GLY B 79 -39.47 2.82 -19.11
C GLY B 79 -39.85 3.95 -20.04
N PHE B 80 -39.04 4.13 -21.08
CA PHE B 80 -39.24 5.22 -22.08
C PHE B 80 -39.18 4.58 -23.46
N ASN B 81 -40.29 4.66 -24.21
CA ASN B 81 -40.30 4.00 -25.52
C ASN B 81 -39.79 4.84 -26.70
N PRO B 82 -40.49 5.90 -27.13
CA PRO B 82 -40.39 6.32 -28.54
C PRO B 82 -39.08 7.02 -28.90
N PRO B 83 -38.71 8.20 -28.28
CA PRO B 83 -37.42 8.78 -28.66
C PRO B 83 -36.25 8.21 -27.86
N VAL B 84 -36.43 8.04 -26.55
CA VAL B 84 -35.24 7.74 -25.68
C VAL B 84 -34.49 9.07 -25.66
N GLU B 85 -33.22 9.13 -26.12
CA GLU B 85 -32.46 10.42 -26.27
C GLU B 85 -31.54 10.82 -25.10
N ASP B 86 -31.27 9.96 -24.10
CA ASP B 86 -30.31 10.31 -23.00
C ASP B 86 -30.99 10.97 -21.79
N ILE B 87 -30.18 11.49 -20.87
CA ILE B 87 -30.69 12.07 -19.58
C ILE B 87 -31.33 13.48 -19.62
N ARG B 88 -30.83 14.44 -20.42
CA ARG B 88 -31.33 15.85 -20.29
C ARG B 88 -32.87 15.85 -20.27
N SER B 89 -33.46 15.11 -21.19
CA SER B 89 -34.89 14.82 -21.30
C SER B 89 -35.38 13.98 -20.13
N ARG B 90 -34.63 12.91 -19.79
CA ARG B 90 -35.04 11.97 -18.72
C ARG B 90 -35.19 12.71 -17.39
N SER B 91 -34.22 13.57 -17.07
CA SER B 91 -34.25 14.38 -15.86
C SER B 91 -35.42 15.36 -15.90
N GLN B 92 -35.61 16.05 -17.02
CA GLN B 92 -36.65 17.08 -17.06
C GLN B 92 -38.04 16.49 -16.81
N LEU B 93 -38.43 15.48 -17.59
CA LEU B 93 -39.79 14.97 -17.46
C LEU B 93 -39.97 14.23 -16.14
N LEU B 94 -39.01 13.36 -15.78
CA LEU B 94 -39.09 12.69 -14.49
C LEU B 94 -39.18 13.71 -13.37
N ASN B 95 -38.41 14.78 -13.52
CA ASN B 95 -38.41 15.82 -12.47
C ASN B 95 -39.84 16.30 -12.27
N GLU B 96 -40.40 16.88 -13.32
CA GLU B 96 -41.71 17.51 -13.19
C GLU B 96 -42.73 16.52 -12.63
N HIS B 97 -42.87 15.36 -13.28
CA HIS B 97 -43.97 14.45 -12.95
C HIS B 97 -43.79 13.89 -11.55
N LYS B 98 -42.60 13.33 -11.26
CA LYS B 98 -42.36 12.69 -9.99
C LYS B 98 -42.29 13.70 -8.84
N GLU B 99 -41.91 14.95 -9.13
CA GLU B 99 -41.89 15.95 -8.07
C GLU B 99 -43.31 16.30 -7.65
N LEU B 100 -44.22 16.41 -8.62
CA LEU B 100 -45.61 16.70 -8.18
C LEU B 100 -46.03 15.53 -7.29
N ILE B 101 -45.73 14.31 -7.74
CA ILE B 101 -46.03 13.05 -6.98
C ILE B 101 -45.15 12.94 -5.72
N GLY B 102 -43.84 13.21 -5.84
CA GLY B 102 -42.92 13.07 -4.69
C GLY B 102 -41.61 13.85 -4.87
N LEU B 103 -40.80 13.91 -3.80
CA LEU B 103 -39.49 14.61 -3.80
C LEU B 103 -38.39 13.69 -3.24
N THR B 104 -37.13 13.98 -3.54
CA THR B 104 -35.96 13.17 -3.09
C THR B 104 -35.77 12.01 -4.08
N ARG B 105 -34.75 11.16 -3.92
CA ARG B 105 -34.67 10.08 -4.90
C ARG B 105 -33.25 9.93 -5.41
N VAL B 106 -33.00 8.81 -6.09
CA VAL B 106 -31.88 8.65 -7.02
C VAL B 106 -32.41 7.90 -8.25
N PHE B 107 -32.04 8.37 -9.46
CA PHE B 107 -32.52 7.78 -10.72
C PHE B 107 -31.36 7.74 -11.71
N ASP B 108 -30.69 6.60 -11.80
CA ASP B 108 -29.57 6.40 -12.72
C ASP B 108 -30.04 5.63 -13.95
N GLY B 109 -30.75 6.35 -14.82
CA GLY B 109 -31.15 5.80 -16.11
C GLY B 109 -32.43 5.02 -16.09
N SER B 110 -32.40 3.81 -15.52
CA SER B 110 -33.53 2.89 -15.52
C SER B 110 -34.11 2.68 -14.13
N THR B 111 -33.29 2.27 -13.17
CA THR B 111 -33.75 2.07 -11.81
C THR B 111 -34.04 3.41 -11.14
N LEU B 112 -34.85 3.35 -10.09
CA LEU B 112 -35.17 4.55 -9.32
C LEU B 112 -35.52 4.12 -7.90
N TYR B 113 -34.90 4.79 -6.92
CA TYR B 113 -35.13 4.50 -5.51
C TYR B 113 -35.88 5.68 -4.90
N VAL B 114 -36.91 5.39 -4.13
CA VAL B 114 -37.66 6.43 -3.43
C VAL B 114 -38.08 5.81 -2.09
N PRO B 115 -37.97 6.53 -0.97
CA PRO B 115 -38.29 5.92 0.33
C PRO B 115 -39.74 5.47 0.46
N LYS B 116 -40.69 6.14 -0.18
CA LYS B 116 -42.10 5.84 -0.06
C LYS B 116 -42.65 5.41 -1.42
N ARG B 117 -43.74 4.67 -1.40
CA ARG B 117 -44.41 4.32 -2.64
C ARG B 117 -44.88 5.57 -3.35
N ILE B 118 -44.63 5.63 -4.66
CA ILE B 118 -45.12 6.74 -5.46
C ILE B 118 -46.65 6.80 -5.32
N CYS B 119 -47.20 8.00 -5.47
CA CYS B 119 -48.63 8.20 -5.26
C CYS B 119 -49.46 7.24 -6.08
N GLU B 120 -49.01 6.91 -7.29
CA GLU B 120 -49.51 5.80 -8.08
C GLU B 120 -48.38 4.80 -8.27
N GLN B 121 -48.62 3.55 -7.86
CA GLN B 121 -47.59 2.53 -8.00
C GLN B 121 -47.21 2.35 -9.47
N ARG B 122 -48.21 2.35 -10.36
CA ARG B 122 -48.00 2.38 -11.79
C ARG B 122 -48.63 3.65 -12.34
N LEU B 123 -47.83 4.48 -13.01
CA LEU B 123 -48.30 5.74 -13.56
C LEU B 123 -47.73 5.90 -14.95
N ASP B 124 -48.57 6.33 -15.89
CA ASP B 124 -48.17 6.55 -17.27
C ASP B 124 -48.35 8.01 -17.65
N LEU B 125 -47.22 8.61 -18.02
CA LEU B 125 -47.27 9.99 -18.54
C LEU B 125 -47.04 9.84 -20.04
N MET B 126 -47.56 10.76 -20.84
CA MET B 126 -47.50 10.65 -22.28
C MET B 126 -46.97 11.91 -22.96
N SER B 127 -46.31 12.81 -22.24
CA SER B 127 -45.85 14.09 -22.77
C SER B 127 -44.38 14.28 -22.44
N THR B 128 -43.57 14.52 -23.47
CA THR B 128 -42.13 14.80 -23.29
C THR B 128 -41.92 16.28 -22.97
N ARG B 129 -42.85 17.14 -23.39
CA ARG B 129 -42.68 18.59 -23.22
C ARG B 129 -41.26 19.01 -23.56
N GLN B 130 -40.67 18.35 -24.56
CA GLN B 130 -39.35 18.69 -25.05
C GLN B 130 -39.48 19.69 -26.21
N THR B 131 -38.32 20.09 -26.75
CA THR B 131 -38.31 21.02 -27.88
C THR B 131 -38.98 20.40 -29.09
N ASP B 132 -38.73 19.11 -29.35
CA ASP B 132 -39.35 18.45 -30.50
C ASP B 132 -40.87 18.39 -30.35
N GLY B 133 -41.36 18.25 -29.12
CA GLY B 133 -42.78 18.16 -28.88
C GLY B 133 -43.37 16.78 -29.02
N ALA B 134 -42.54 15.74 -29.18
CA ALA B 134 -43.04 14.39 -29.32
C ALA B 134 -43.57 13.88 -27.97
N SER B 135 -43.94 12.60 -27.95
CA SER B 135 -44.48 11.94 -26.77
C SER B 135 -43.50 10.89 -26.26
N ILE B 136 -43.55 10.62 -24.96
CA ILE B 136 -42.76 9.57 -24.33
C ILE B 136 -43.69 8.79 -23.41
N LYS B 137 -43.60 7.46 -23.49
CA LYS B 137 -44.42 6.59 -22.66
C LYS B 137 -43.63 6.22 -21.40
N VAL B 138 -43.85 6.96 -20.33
CA VAL B 138 -43.24 6.70 -19.03
C VAL B 138 -43.96 5.50 -18.44
N THR B 139 -43.21 4.47 -18.08
CA THR B 139 -43.77 3.28 -17.41
C THR B 139 -43.08 3.09 -16.07
N ILE B 140 -43.85 3.21 -14.98
CA ILE B 140 -43.37 3.02 -13.63
C ILE B 140 -43.83 1.64 -13.16
N SER B 141 -42.89 0.82 -12.69
CA SER B 141 -43.24 -0.50 -12.15
C SER B 141 -42.54 -0.70 -10.81
N LEU B 142 -43.33 -0.94 -9.77
CA LEU B 142 -42.79 -1.23 -8.45
C LEU B 142 -42.25 -2.65 -8.42
N VAL B 143 -41.02 -2.81 -7.95
CA VAL B 143 -40.38 -4.13 -7.82
C VAL B 143 -39.91 -4.30 -6.38
N ASP B 144 -40.46 -5.31 -5.70
CA ASP B 144 -40.13 -5.67 -4.31
C ASP B 144 -40.14 -4.39 -3.46
N SER B 145 -39.22 -4.26 -2.50
CA SER B 145 -38.96 -2.97 -1.86
C SER B 145 -37.51 -2.58 -2.14
N VAL B 146 -36.58 -3.47 -1.79
CA VAL B 146 -35.17 -3.30 -2.12
C VAL B 146 -34.48 -4.63 -1.88
N LYS B 147 -33.52 -4.95 -2.74
CA LYS B 147 -32.72 -6.15 -2.55
C LYS B 147 -31.68 -5.92 -1.45
N ASN B 148 -31.36 -6.99 -0.74
CA ASN B 148 -30.33 -6.90 0.29
C ASN B 148 -28.99 -6.51 -0.30
N ARG B 149 -28.72 -6.94 -1.53
CA ARG B 149 -27.45 -6.63 -2.19
C ARG B 149 -27.40 -5.16 -2.61
N ASP B 150 -28.55 -4.55 -2.89
CA ASP B 150 -28.59 -3.27 -3.58
C ASP B 150 -28.66 -2.06 -2.65
N VAL B 151 -28.74 -2.27 -1.33
CA VAL B 151 -28.85 -1.15 -0.41
C VAL B 151 -27.54 -0.37 -0.35
N VAL B 152 -26.42 -1.08 -0.49
CA VAL B 152 -25.10 -0.47 -0.26
C VAL B 152 -24.85 0.65 -1.26
N GLN B 153 -25.16 0.42 -2.53
CA GLN B 153 -24.96 1.47 -3.54
C GLN B 153 -25.83 2.68 -3.23
N LEU B 154 -27.07 2.44 -2.81
CA LEU B 154 -27.97 3.54 -2.50
C LEU B 154 -27.40 4.40 -1.37
N MET B 155 -27.02 3.79 -0.26
CA MET B 155 -26.48 4.59 0.83
C MET B 155 -25.14 5.21 0.47
N ASN B 156 -24.39 4.58 -0.44
CA ASN B 156 -23.17 5.22 -0.91
C ASN B 156 -23.49 6.56 -1.58
N VAL B 157 -24.45 6.56 -2.51
CA VAL B 157 -24.82 7.81 -3.17
C VAL B 157 -25.34 8.81 -2.14
N ILE B 158 -26.19 8.35 -1.23
CA ILE B 158 -26.77 9.26 -0.24
C ILE B 158 -25.70 9.89 0.62
N PHE B 159 -24.72 9.11 1.07
CA PHE B 159 -23.71 9.65 1.97
C PHE B 159 -22.71 10.54 1.24
N LYS B 160 -22.41 10.23 -0.02
CA LYS B 160 -21.58 11.16 -0.79
C LYS B 160 -22.28 12.51 -0.95
N ARG B 161 -23.59 12.48 -1.20
CA ARG B 161 -24.34 13.74 -1.21
C ARG B 161 -24.32 14.42 0.16
N ILE B 162 -24.43 13.65 1.23
CA ILE B 162 -24.39 14.22 2.57
C ILE B 162 -23.07 14.95 2.80
N LEU B 163 -21.96 14.31 2.44
CA LEU B 163 -20.66 14.93 2.65
C LEU B 163 -20.48 16.15 1.77
N ARG B 164 -21.02 16.11 0.54
CA ARG B 164 -21.01 17.32 -0.27
C ARG B 164 -21.84 18.43 0.38
N SER B 165 -22.84 18.07 1.18
CA SER B 165 -23.64 19.08 1.86
C SER B 165 -22.80 19.89 2.86
N LEU B 166 -21.81 19.25 3.48
CA LEU B 166 -20.97 19.89 4.50
C LEU B 166 -19.95 20.88 3.93
N LYS B 167 -19.95 21.18 2.64
CA LYS B 167 -18.99 22.01 1.91
C LYS B 167 -17.67 21.28 1.67
N LEU B 168 -17.50 20.06 2.18
CA LEU B 168 -16.28 19.31 1.90
C LEU B 168 -16.21 18.97 0.43
N GLN B 169 -15.06 19.24 -0.18
CA GLN B 169 -14.83 18.86 -1.57
C GLN B 169 -14.38 17.41 -1.64
N ARG B 170 -14.59 16.78 -2.80
CA ARG B 170 -14.13 15.43 -3.05
C ARG B 170 -12.92 15.50 -3.98
N ILE B 171 -11.76 15.11 -3.46
CA ILE B 171 -10.51 15.06 -4.21
C ILE B 171 -9.99 13.63 -4.12
N GLY B 172 -9.56 13.09 -5.26
CA GLY B 172 -9.26 11.67 -5.31
C GLY B 172 -10.51 10.87 -5.01
N ARG B 173 -10.37 9.90 -4.10
CA ARG B 173 -11.51 9.16 -3.55
C ARG B 173 -11.81 9.60 -2.13
N ASP B 174 -11.43 10.84 -1.77
CA ASP B 174 -11.41 11.30 -0.39
C ASP B 174 -12.15 12.63 -0.30
N TYR B 175 -12.53 12.99 0.92
CA TYR B 175 -13.32 14.18 1.21
C TYR B 175 -12.51 15.12 2.08
N TYR B 176 -12.05 16.22 1.47
CA TYR B 176 -11.18 17.18 2.12
C TYR B 176 -11.88 18.52 2.32
N ASP B 177 -11.58 19.18 3.44
CA ASP B 177 -12.05 20.53 3.69
C ASP B 177 -11.09 21.54 3.08
N ALA B 178 -11.57 22.78 2.96
CA ALA B 178 -10.80 23.84 2.32
C ALA B 178 -10.81 25.16 3.08
N ASN B 179 -11.36 25.20 4.29
CA ASN B 179 -11.44 26.44 5.08
C ASN B 179 -10.85 26.29 6.48
N SER B 180 -10.25 25.15 6.80
CA SER B 180 -9.63 24.93 8.11
C SER B 180 -8.29 24.20 7.96
N PRO B 181 -7.27 24.86 7.38
CA PRO B 181 -6.00 24.17 7.16
C PRO B 181 -5.06 24.28 8.35
N LEU B 182 -4.42 23.16 8.70
CA LEU B 182 -3.21 23.22 9.51
C LEU B 182 -2.05 23.66 8.62
N GLU B 183 -1.28 24.63 9.08
CA GLU B 183 -0.29 25.31 8.24
C GLU B 183 1.11 25.11 8.79
N VAL B 184 2.01 24.63 7.95
CA VAL B 184 3.45 24.60 8.23
C VAL B 184 4.10 25.63 7.30
N PRO B 185 4.56 26.78 7.79
CA PRO B 185 4.92 27.87 6.89
C PRO B 185 6.34 27.86 6.35
N GLN B 186 7.17 26.88 6.71
CA GLN B 186 8.59 26.95 6.40
C GLN B 186 8.85 26.83 4.89
N HIS B 187 8.25 25.82 4.25
CA HIS B 187 8.54 25.49 2.86
C HIS B 187 7.32 25.71 1.97
N LYS B 188 6.51 26.72 2.29
CA LYS B 188 5.29 27.02 1.53
C LYS B 188 4.37 25.80 1.46
N MET B 189 3.93 25.35 2.64
CA MET B 189 3.11 24.15 2.74
C MET B 189 2.03 24.35 3.80
N GLN B 190 1.08 23.43 3.81
CA GLN B 190 0.06 23.32 4.83
C GLN B 190 -0.57 21.95 4.70
N LEU B 191 -1.62 21.70 5.49
CA LEU B 191 -2.36 20.46 5.39
C LEU B 191 -3.85 20.79 5.42
N TRP B 192 -4.62 20.00 4.67
CA TRP B 192 -6.06 20.14 4.62
C TRP B 192 -6.66 18.95 5.36
N PRO B 193 -7.46 19.16 6.41
CA PRO B 193 -8.09 18.01 7.07
C PRO B 193 -8.96 17.24 6.09
N GLY B 194 -9.00 15.92 6.28
CA GLY B 194 -9.72 15.08 5.35
C GLY B 194 -10.33 13.90 6.05
N TYR B 195 -11.38 13.38 5.43
CA TYR B 195 -12.11 12.23 5.93
C TYR B 195 -12.25 11.21 4.82
N VAL B 196 -11.89 9.96 5.14
CA VAL B 196 -11.88 8.86 4.19
C VAL B 196 -13.10 8.00 4.51
N THR B 197 -14.23 8.32 3.88
CA THR B 197 -15.52 7.73 4.24
C THR B 197 -15.88 6.66 3.22
N ALA B 198 -16.35 5.51 3.71
CA ALA B 198 -16.87 4.48 2.84
C ALA B 198 -17.97 3.71 3.55
N ILE B 199 -19.15 3.64 2.93
CA ILE B 199 -20.25 2.81 3.43
C ILE B 199 -20.14 1.48 2.70
N ASN B 200 -19.87 0.42 3.46
CA ASN B 200 -19.78 -0.92 2.93
C ASN B 200 -20.44 -1.89 3.90
N ARG B 201 -20.84 -3.05 3.39
CA ARG B 201 -21.44 -4.08 4.24
C ARG B 201 -20.34 -4.99 4.78
N HIS B 202 -20.07 -4.89 6.07
CA HIS B 202 -19.17 -5.80 6.77
C HIS B 202 -20.03 -6.78 7.56
N GLU B 203 -19.37 -7.81 8.11
CA GLU B 203 -20.11 -8.87 8.79
C GLU B 203 -20.91 -8.33 9.96
N GLY B 204 -20.40 -7.30 10.63
CA GLY B 204 -21.16 -6.68 11.71
C GLY B 204 -22.45 -6.06 11.21
N GLY B 205 -22.41 -5.43 10.04
CA GLY B 205 -23.60 -4.83 9.48
C GLY B 205 -23.22 -3.84 8.40
N LEU B 206 -24.18 -2.97 8.09
CA LEU B 206 -23.91 -1.87 7.17
C LEU B 206 -23.11 -0.80 7.90
N MET B 207 -21.82 -0.67 7.57
CA MET B 207 -20.91 0.14 8.35
C MET B 207 -20.30 1.23 7.48
N LEU B 208 -20.26 2.44 8.05
CA LEU B 208 -19.47 3.53 7.53
C LEU B 208 -18.11 3.52 8.22
N VAL B 209 -17.05 3.39 7.42
CA VAL B 209 -15.68 3.51 7.90
C VAL B 209 -15.23 4.94 7.66
N LEU B 210 -14.68 5.55 8.69
CA LEU B 210 -14.17 6.91 8.69
C LEU B 210 -12.69 6.89 9.05
N ASP B 211 -11.91 7.77 8.42
CA ASP B 211 -10.48 7.80 8.65
C ASP B 211 -9.96 9.20 8.33
N VAL B 212 -9.24 9.78 9.28
CA VAL B 212 -8.73 11.14 9.12
C VAL B 212 -7.48 11.09 8.25
N SER B 213 -7.54 11.74 7.10
CA SER B 213 -6.42 11.86 6.17
C SER B 213 -5.95 13.29 6.09
N HIS B 214 -4.75 13.46 5.55
CA HIS B 214 -4.16 14.77 5.31
C HIS B 214 -3.57 14.80 3.92
N ARG B 215 -3.74 15.93 3.23
CA ARG B 215 -3.33 16.05 1.84
C ARG B 215 -2.51 17.32 1.69
N VAL B 216 -1.22 17.15 1.41
CA VAL B 216 -0.30 18.28 1.29
C VAL B 216 -0.63 19.04 0.02
N MET B 217 -0.81 20.35 0.15
CA MET B 217 -0.90 21.24 -1.01
C MET B 217 0.08 22.38 -0.81
N LYS B 218 0.61 22.88 -1.92
CA LYS B 218 1.69 23.85 -1.90
C LYS B 218 1.15 25.26 -2.11
N THR B 219 1.50 26.18 -1.22
CA THR B 219 1.15 27.59 -1.42
C THR B 219 1.83 28.13 -2.67
N ASP B 220 3.02 27.66 -2.99
CA ASP B 220 3.69 28.08 -4.20
C ASP B 220 2.88 27.66 -5.41
N THR B 221 2.99 28.45 -6.48
CA THR B 221 2.18 28.26 -7.67
C THR B 221 2.92 27.35 -8.66
N ALA B 222 2.16 26.73 -9.56
CA ALA B 222 2.74 25.81 -10.53
C ALA B 222 3.78 26.50 -11.41
N LEU B 223 3.65 27.81 -11.62
CA LEU B 223 4.67 28.56 -12.36
C LEU B 223 6.01 28.48 -11.65
N ASP B 224 6.00 28.64 -10.32
CA ASP B 224 7.25 28.57 -9.57
C ASP B 224 7.85 27.17 -9.62
N PHE B 225 7.01 26.14 -9.55
CA PHE B 225 7.51 24.78 -9.66
C PHE B 225 8.10 24.54 -11.04
N LEU B 226 7.48 25.10 -12.08
CA LEU B 226 8.04 25.00 -13.42
C LEU B 226 9.40 25.69 -13.49
N TYR B 227 9.51 26.87 -12.89
CA TYR B 227 10.80 27.56 -12.85
C TYR B 227 11.84 26.71 -12.13
N GLU B 228 11.45 26.03 -11.06
CA GLU B 228 12.36 25.11 -10.38
C GLU B 228 12.76 23.97 -11.32
N LEU B 229 11.81 23.45 -12.10
CA LEU B 229 12.11 22.37 -13.03
C LEU B 229 13.11 22.82 -14.10
N TYR B 230 12.92 24.03 -14.62
CA TYR B 230 13.84 24.56 -15.63
C TYR B 230 15.23 24.77 -15.02
N ALA B 241 8.65 17.39 -16.71
CA ALA B 241 8.25 16.40 -15.71
C ALA B 241 6.84 15.88 -16.00
N PHE B 242 6.71 15.14 -17.10
CA PHE B 242 5.40 14.59 -17.46
C PHE B 242 4.90 13.62 -16.41
N LYS B 243 5.79 12.78 -15.86
CA LYS B 243 5.38 11.73 -14.94
C LYS B 243 4.82 12.30 -13.65
N GLN B 244 5.42 13.38 -13.14
CA GLN B 244 5.08 13.84 -11.79
C GLN B 244 3.68 14.42 -11.73
N LEU B 245 3.33 15.28 -12.69
CA LEU B 245 2.11 16.07 -12.57
C LEU B 245 0.86 15.23 -12.86
N VAL B 246 0.97 14.24 -13.75
CA VAL B 246 -0.22 13.51 -14.20
C VAL B 246 -0.89 12.80 -13.01
N GLY B 247 -0.09 12.21 -12.12
CA GLY B 247 -0.68 11.58 -10.95
C GLY B 247 -1.30 12.57 -10.00
N SER B 248 -0.64 13.71 -9.79
CA SER B 248 -1.15 14.71 -8.86
C SER B 248 -2.46 15.29 -9.35
N VAL B 249 -3.37 15.53 -8.41
CA VAL B 249 -4.69 16.13 -8.74
C VAL B 249 -4.53 17.61 -8.43
N VAL B 250 -4.17 18.37 -9.47
CA VAL B 250 -3.96 19.81 -9.30
C VAL B 250 -5.30 20.49 -9.12
N LEU B 251 -5.38 21.42 -8.16
CA LEU B 251 -6.61 22.14 -7.87
C LEU B 251 -6.42 23.62 -8.20
N THR B 252 -7.49 24.24 -8.67
CA THR B 252 -7.49 25.67 -8.96
C THR B 252 -7.70 26.45 -7.67
N ARG B 253 -7.16 27.67 -7.63
CA ARG B 253 -7.33 28.53 -6.45
C ARG B 253 -8.52 29.46 -6.57
N TYR B 254 -8.86 29.96 -7.76
CA TYR B 254 -9.88 31.00 -7.84
C TYR B 254 -11.26 30.46 -7.52
N ASN B 255 -11.64 29.33 -8.11
CA ASN B 255 -12.93 28.70 -7.81
C ASN B 255 -12.83 27.60 -6.75
N ASN B 256 -11.61 27.29 -6.28
CA ASN B 256 -11.40 26.24 -5.29
C ASN B 256 -12.00 24.91 -5.75
N ARG B 257 -11.84 24.63 -7.05
CA ARG B 257 -12.30 23.39 -7.65
C ARG B 257 -11.10 22.59 -8.15
N THR B 258 -11.24 21.28 -8.17
CA THR B 258 -10.14 20.35 -8.33
C THR B 258 -10.35 19.47 -9.55
N TYR B 259 -9.31 19.33 -10.37
CA TYR B 259 -9.35 18.55 -11.60
C TYR B 259 -8.06 17.75 -11.73
N GLU B 260 -8.18 16.44 -11.94
CA GLU B 260 -7.01 15.63 -12.25
C GLU B 260 -6.44 16.04 -13.60
N ILE B 261 -5.12 16.15 -13.67
CA ILE B 261 -4.44 16.64 -14.86
C ILE B 261 -3.95 15.45 -15.68
N ASP B 262 -3.97 15.60 -16.99
CA ASP B 262 -3.62 14.52 -17.92
C ASP B 262 -2.42 14.85 -18.79
N ASP B 263 -2.34 16.07 -19.32
CA ASP B 263 -1.24 16.46 -20.19
C ASP B 263 -0.71 17.83 -19.78
N ILE B 264 0.58 18.06 -20.05
CA ILE B 264 1.21 19.35 -19.82
C ILE B 264 1.66 19.87 -21.17
N ALA B 265 0.88 20.76 -21.77
CA ALA B 265 1.10 21.21 -23.15
C ALA B 265 1.59 22.65 -23.14
N TRP B 266 2.78 22.86 -23.69
CA TRP B 266 3.28 24.20 -23.98
C TRP B 266 3.07 24.60 -25.43
N ASP B 267 2.53 23.69 -26.26
CA ASP B 267 2.27 24.03 -27.65
C ASP B 267 1.20 25.11 -27.76
N LYS B 268 0.10 24.97 -27.02
CA LYS B 268 -0.94 25.98 -27.03
C LYS B 268 -0.48 27.23 -26.29
N ASN B 269 -1.15 28.34 -26.60
CA ASN B 269 -0.83 29.65 -26.03
C ASN B 269 -2.07 30.26 -25.40
N PRO B 270 -1.92 31.13 -24.39
CA PRO B 270 -3.12 31.77 -23.79
C PRO B 270 -3.92 32.59 -24.77
N ARG B 271 -3.28 33.15 -25.81
CA ARG B 271 -4.02 34.00 -26.75
C ARG B 271 -5.10 33.22 -27.47
N CYS B 272 -4.94 31.91 -27.64
CA CYS B 272 -6.05 31.09 -28.11
C CYS B 272 -7.20 31.17 -27.12
N ALA B 273 -8.39 31.38 -27.64
CA ALA B 273 -9.58 31.67 -26.85
C ALA B 273 -10.55 30.50 -26.93
N PHE B 274 -11.02 30.03 -25.78
CA PHE B 274 -11.89 28.87 -25.76
C PHE B 274 -13.32 29.26 -26.13
N GLN B 275 -14.08 28.26 -26.54
CA GLN B 275 -15.46 28.47 -26.95
C GLN B 275 -16.36 28.65 -25.74
N ASP B 276 -17.32 29.57 -25.86
CA ASP B 276 -18.23 29.89 -24.77
C ASP B 276 -19.26 30.85 -25.33
N HIS B 277 -20.46 30.84 -24.74
CA HIS B 277 -21.60 31.59 -25.26
C HIS B 277 -21.91 31.18 -26.70
N ALA B 278 -22.13 29.88 -26.89
CA ALA B 278 -22.50 29.32 -28.19
C ALA B 278 -21.41 29.58 -29.23
N GLY B 279 -20.17 29.21 -28.90
CA GLY B 279 -19.08 29.23 -29.85
C GLY B 279 -18.27 30.51 -29.89
N SER B 280 -18.69 31.56 -29.20
CA SER B 280 -17.88 32.78 -29.16
C SER B 280 -16.57 32.50 -28.44
N GLN B 281 -15.47 33.00 -29.03
CA GLN B 281 -14.14 32.75 -28.51
C GLN B 281 -13.79 33.79 -27.47
N ILE B 282 -13.53 33.37 -26.24
CA ILE B 282 -13.12 34.24 -25.15
C ILE B 282 -11.81 33.72 -24.57
N THR B 283 -10.88 34.62 -24.30
CA THR B 283 -9.59 34.24 -23.74
C THR B 283 -9.73 33.87 -22.27
N PHE B 284 -8.73 33.14 -21.76
CA PHE B 284 -8.76 32.70 -20.37
C PHE B 284 -8.71 33.89 -19.41
N VAL B 285 -7.84 34.85 -19.67
CA VAL B 285 -7.62 35.95 -18.73
C VAL B 285 -8.88 36.79 -18.59
N ASP B 286 -9.55 37.09 -19.70
CA ASP B 286 -10.77 37.91 -19.64
C ASP B 286 -11.86 37.20 -18.86
N TYR B 287 -12.06 35.91 -19.13
CA TYR B 287 -13.07 35.15 -18.41
C TYR B 287 -12.77 35.09 -16.92
N TYR B 288 -11.51 34.86 -16.56
CA TYR B 288 -11.15 34.79 -15.15
C TYR B 288 -11.32 36.14 -14.47
N LYS B 289 -10.97 37.23 -15.17
CA LYS B 289 -11.16 38.55 -14.57
C LYS B 289 -12.63 38.84 -14.35
N ARG B 290 -13.48 38.50 -15.33
CA ARG B 290 -14.91 38.76 -15.20
C ARG B 290 -15.53 37.92 -14.10
N ALA B 291 -15.09 36.66 -13.95
CA ALA B 291 -15.75 35.77 -13.01
C ALA B 291 -15.17 35.90 -11.61
N TYR B 292 -13.87 35.68 -11.46
CA TYR B 292 -13.22 35.54 -10.17
C TYR B 292 -12.33 36.73 -9.80
N ASP B 293 -12.25 37.75 -10.67
CA ASP B 293 -11.54 38.98 -10.35
C ASP B 293 -10.04 38.75 -10.15
N LEU B 294 -9.39 38.16 -11.15
CA LEU B 294 -7.94 38.07 -11.18
C LEU B 294 -7.47 37.93 -12.63
N ASP B 295 -6.16 38.08 -12.81
CA ASP B 295 -5.55 38.13 -14.14
C ASP B 295 -4.33 37.21 -14.19
N ILE B 296 -3.90 36.94 -15.43
CA ILE B 296 -2.68 36.18 -15.70
C ILE B 296 -1.62 37.18 -16.11
N THR B 297 -0.47 37.13 -15.43
CA THR B 297 0.57 38.13 -15.69
C THR B 297 1.29 37.86 -17.02
N ASP B 298 1.55 36.59 -17.32
CA ASP B 298 2.34 36.22 -18.49
C ASP B 298 1.43 36.09 -19.70
N LEU B 299 1.74 36.83 -20.77
CA LEU B 299 0.95 36.74 -21.99
C LEU B 299 1.08 35.37 -22.65
N GLU B 300 2.31 34.84 -22.68
CA GLU B 300 2.60 33.52 -23.24
C GLU B 300 3.09 32.61 -22.12
N GLN B 301 2.50 31.44 -22.02
CA GLN B 301 2.74 30.55 -20.89
C GLN B 301 2.37 29.13 -21.28
N PRO B 302 3.02 28.11 -20.72
CA PRO B 302 2.51 26.74 -20.86
C PRO B 302 1.18 26.57 -20.15
N LEU B 303 0.42 25.58 -20.61
CA LEU B 303 -0.91 25.28 -20.08
C LEU B 303 -0.99 23.80 -19.75
N LEU B 304 -1.99 23.44 -18.93
CA LEU B 304 -2.26 22.07 -18.56
C LEU B 304 -3.61 21.65 -19.15
N ILE B 305 -3.72 20.39 -19.56
CA ILE B 305 -4.91 19.87 -20.23
C ILE B 305 -5.46 18.70 -19.43
N HIS B 306 -6.76 18.72 -19.18
CA HIS B 306 -7.50 17.63 -18.58
C HIS B 306 -8.72 17.34 -19.44
N ARG B 307 -8.96 16.05 -19.70
CA ARG B 307 -10.06 15.65 -20.56
C ARG B 307 -11.27 15.29 -19.71
N PRO B 308 -12.44 15.92 -19.90
CA PRO B 308 -13.60 15.53 -19.07
C PRO B 308 -14.01 14.07 -19.28
N MET B 326 -11.29 18.85 -23.00
CA MET B 326 -10.79 20.13 -23.47
C MET B 326 -10.54 21.12 -22.32
N VAL B 327 -10.63 20.64 -21.07
CA VAL B 327 -10.50 21.55 -19.94
C VAL B 327 -9.05 22.02 -19.84
N CYS B 328 -8.87 23.34 -19.82
CA CYS B 328 -7.56 23.97 -19.77
C CYS B 328 -7.35 24.59 -18.41
N LEU B 329 -6.20 24.30 -17.80
CA LEU B 329 -5.80 24.85 -16.51
C LEU B 329 -4.58 25.73 -16.69
N VAL B 330 -4.59 26.87 -16.02
CA VAL B 330 -3.52 27.86 -16.11
C VAL B 330 -2.54 27.62 -14.95
N PRO B 331 -1.24 27.47 -15.21
CA PRO B 331 -0.31 27.28 -14.08
C PRO B 331 -0.31 28.41 -13.07
N GLU B 332 -0.53 29.65 -13.50
CA GLU B 332 -0.39 30.80 -12.60
C GLU B 332 -1.41 30.77 -11.47
N LEU B 333 -2.53 30.08 -11.66
CA LEU B 333 -3.54 29.93 -10.62
C LEU B 333 -3.69 28.50 -10.13
N CYS B 334 -2.76 27.61 -10.49
CA CYS B 334 -2.83 26.20 -10.12
C CYS B 334 -1.80 25.90 -9.04
N ALA B 335 -2.25 25.30 -7.94
CA ALA B 335 -1.39 24.88 -6.86
C ALA B 335 -1.37 23.36 -6.81
N MET B 336 -0.18 22.77 -6.83
CA MET B 336 -0.09 21.32 -6.86
C MET B 336 -0.46 20.75 -5.49
N THR B 337 -1.16 19.61 -5.52
CA THR B 337 -1.46 18.82 -4.34
C THR B 337 -0.63 17.54 -4.39
N GLY B 338 -0.35 16.99 -3.22
CA GLY B 338 0.64 15.96 -3.09
C GLY B 338 2.03 16.54 -2.98
N LEU B 339 3.01 15.64 -2.81
CA LEU B 339 4.41 16.02 -2.65
C LEU B 339 5.23 15.33 -3.72
N THR B 340 6.03 16.11 -4.45
CA THR B 340 6.76 15.62 -5.60
C THR B 340 7.93 14.74 -5.20
N ASP B 341 8.51 14.07 -6.19
CA ASP B 341 9.60 13.12 -5.93
C ASP B 341 10.79 13.81 -5.28
N ALA B 342 11.10 15.04 -5.71
CA ALA B 342 12.16 15.79 -5.05
C ALA B 342 11.79 16.06 -3.59
N ALA B 343 10.53 16.36 -3.33
CA ALA B 343 10.07 16.55 -1.95
C ALA B 343 10.09 15.22 -1.20
N ARG B 344 9.82 14.12 -1.92
CA ARG B 344 9.85 12.78 -1.27
C ARG B 344 11.28 12.46 -0.83
N SER B 345 12.28 12.80 -1.65
CA SER B 345 13.67 12.49 -1.32
C SER B 345 14.21 13.43 -0.25
N ASP B 346 13.85 14.71 -0.32
CA ASP B 346 14.38 15.69 0.62
C ASP B 346 13.93 15.37 2.05
N PHE B 347 14.91 15.18 2.94
CA PHE B 347 14.60 14.77 4.31
C PHE B 347 13.95 15.90 5.10
N LYS B 348 14.33 17.14 4.81
CA LYS B 348 13.77 18.28 5.55
C LYS B 348 12.27 18.36 5.37
N VAL B 349 11.79 18.18 4.13
CA VAL B 349 10.36 18.23 3.87
C VAL B 349 9.63 17.13 4.63
N MET B 350 10.17 15.91 4.62
CA MET B 350 9.55 14.80 5.33
C MET B 350 9.48 15.09 6.82
N LYS B 351 10.58 15.54 7.42
CA LYS B 351 10.58 15.74 8.86
C LYS B 351 9.72 16.92 9.27
N ASP B 352 9.64 17.95 8.43
CA ASP B 352 8.76 19.08 8.72
C ASP B 352 7.29 18.66 8.63
N LEU B 353 6.95 17.84 7.64
CA LEU B 353 5.56 17.42 7.48
C LEU B 353 5.14 16.42 8.55
N ALA B 354 6.07 15.56 9.00
CA ALA B 354 5.69 14.40 9.80
C ALA B 354 4.96 14.80 11.07
N VAL B 355 5.34 15.92 11.69
CA VAL B 355 4.69 16.33 12.93
C VAL B 355 3.21 16.63 12.69
N HIS B 356 2.88 17.18 11.53
CA HIS B 356 1.49 17.47 11.20
C HIS B 356 0.78 16.24 10.64
N THR B 357 1.29 15.69 9.54
CA THR B 357 0.60 14.61 8.84
C THR B 357 0.46 13.38 9.73
N ARG B 358 1.54 12.96 10.38
CA ARG B 358 1.49 11.79 11.31
C ARG B 358 0.81 12.24 12.58
N VAL B 359 -0.34 11.69 12.89
CA VAL B 359 -1.16 12.12 14.02
C VAL B 359 -1.16 11.04 15.09
N PRO B 360 -1.03 11.36 16.37
CA PRO B 360 -1.14 10.33 17.41
C PRO B 360 -2.55 9.75 17.46
N PRO B 361 -2.80 8.75 18.31
CA PRO B 361 -4.13 8.16 18.36
C PRO B 361 -5.15 9.01 19.11
N GLU B 362 -4.70 9.75 20.12
CA GLU B 362 -5.61 10.58 20.89
C GLU B 362 -6.15 11.74 20.05
N LYS B 363 -5.27 12.40 19.30
CA LYS B 363 -5.73 13.47 18.42
C LYS B 363 -6.60 12.94 17.30
N ARG B 364 -6.30 11.74 16.80
CA ARG B 364 -7.17 11.14 15.79
C ARG B 364 -8.56 10.85 16.34
N ALA B 365 -8.64 10.34 17.58
CA ALA B 365 -9.93 10.15 18.22
C ALA B 365 -10.68 11.46 18.40
N GLU B 366 -9.97 12.51 18.82
CA GLU B 366 -10.60 13.81 19.00
C GLU B 366 -11.14 14.35 17.68
N SER B 367 -10.37 14.19 16.59
CA SER B 367 -10.85 14.58 15.27
C SER B 367 -12.07 13.77 14.84
N PHE B 368 -12.07 12.46 15.15
CA PHE B 368 -13.23 11.63 14.84
C PHE B 368 -14.48 12.18 15.54
N ARG B 369 -14.37 12.52 16.82
CA ARG B 369 -15.56 12.95 17.54
C ARG B 369 -15.98 14.36 17.12
N LYS B 370 -15.02 15.22 16.77
CA LYS B 370 -15.38 16.51 16.19
C LYS B 370 -16.11 16.35 14.87
N PHE B 371 -15.65 15.43 14.00
CA PHE B 371 -16.33 15.23 12.73
C PHE B 371 -17.75 14.72 12.93
N ILE B 372 -17.93 13.71 13.79
CA ILE B 372 -19.27 13.17 13.98
C ILE B 372 -20.18 14.17 14.69
N GLN B 373 -19.62 15.05 15.52
CA GLN B 373 -20.41 16.12 16.12
C GLN B 373 -20.80 17.16 15.08
N ARG B 374 -19.90 17.44 14.13
CA ARG B 374 -20.20 18.39 13.06
C ARG B 374 -21.30 17.83 12.15
N LEU B 375 -21.28 16.53 11.90
CA LEU B 375 -22.23 15.94 10.95
C LEU B 375 -23.66 16.03 11.47
N ASN B 376 -23.86 15.86 12.78
CA ASN B 376 -25.18 15.78 13.38
C ASN B 376 -25.74 17.15 13.76
N THR B 377 -25.08 18.23 13.36
CA THR B 377 -25.49 19.60 13.73
C THR B 377 -25.83 20.47 12.54
N THR B 378 -25.17 20.27 11.40
CA THR B 378 -25.46 21.08 10.22
C THR B 378 -26.87 20.78 9.70
N LYS B 379 -27.45 21.77 9.03
CA LYS B 379 -28.87 21.71 8.72
C LYS B 379 -29.17 20.70 7.63
N GLU B 380 -28.49 20.81 6.48
CA GLU B 380 -28.80 19.92 5.35
C GLU B 380 -28.51 18.47 5.69
N ALA B 381 -27.35 18.20 6.30
CA ALA B 381 -27.01 16.83 6.67
C ALA B 381 -27.98 16.27 7.70
N SER B 382 -28.35 17.08 8.70
CA SER B 382 -29.30 16.61 9.70
C SER B 382 -30.65 16.29 9.08
N GLU B 383 -31.08 17.10 8.11
CA GLU B 383 -32.39 16.88 7.49
C GLU B 383 -32.39 15.70 6.54
N LEU B 384 -31.30 15.48 5.78
CA LEU B 384 -31.29 14.41 4.80
C LEU B 384 -31.36 13.03 5.46
N LEU B 385 -30.63 12.84 6.55
CA LEU B 385 -30.65 11.55 7.23
C LEU B 385 -32.06 11.20 7.72
N HIS B 386 -32.76 12.16 8.31
CA HIS B 386 -34.14 11.91 8.73
C HIS B 386 -35.09 11.79 7.55
N SER B 387 -34.78 12.44 6.42
CA SER B 387 -35.58 12.24 5.22
C SER B 387 -35.48 10.79 4.75
N TRP B 388 -34.29 10.22 4.78
CA TRP B 388 -34.11 8.80 4.46
C TRP B 388 -34.33 7.89 5.68
N GLY B 389 -34.57 8.46 6.85
CA GLY B 389 -34.99 7.66 8.00
C GLY B 389 -33.91 6.78 8.58
N LEU B 390 -32.65 7.15 8.42
CA LEU B 390 -31.53 6.42 9.02
C LEU B 390 -30.85 7.32 10.05
N VAL B 391 -30.60 6.76 11.24
CA VAL B 391 -29.92 7.45 12.33
C VAL B 391 -28.73 6.60 12.73
N LEU B 392 -27.57 7.22 12.85
CA LEU B 392 -26.31 6.53 13.08
C LEU B 392 -25.80 6.79 14.48
N ASP B 393 -24.95 5.88 14.97
CA ASP B 393 -24.44 5.96 16.32
C ASP B 393 -23.56 7.20 16.49
N SER B 394 -23.28 7.53 17.75
CA SER B 394 -22.54 8.74 18.09
C SER B 394 -21.08 8.49 18.42
N ARG B 395 -20.58 7.25 18.32
CA ARG B 395 -19.19 6.97 18.63
C ARG B 395 -18.71 5.74 17.88
N MET B 396 -17.39 5.68 17.67
CA MET B 396 -16.78 4.57 16.95
C MET B 396 -17.04 3.24 17.66
N LEU B 397 -16.73 2.14 16.97
CA LEU B 397 -17.09 0.82 17.48
C LEU B 397 -16.07 0.35 18.50
N ASP B 398 -16.55 -0.39 19.51
CA ASP B 398 -15.71 -1.05 20.50
C ASP B 398 -15.72 -2.55 20.23
N MET B 399 -14.59 -3.21 20.49
CA MET B 399 -14.46 -4.62 20.17
C MET B 399 -13.34 -5.23 21.00
N GLN B 400 -13.22 -6.56 20.91
CA GLN B 400 -12.40 -7.38 21.80
C GLN B 400 -11.40 -8.17 20.97
N GLY B 401 -10.22 -7.58 20.73
CA GLY B 401 -9.14 -8.32 20.13
C GLY B 401 -8.41 -9.18 21.16
N ARG B 402 -7.56 -10.07 20.66
CA ARG B 402 -6.80 -10.98 21.49
C ARG B 402 -5.31 -10.82 21.22
N ARG B 403 -4.52 -10.78 22.29
CA ARG B 403 -3.09 -10.58 22.21
C ARG B 403 -2.36 -11.92 22.22
N LEU B 404 -1.56 -12.17 21.22
CA LEU B 404 -0.80 -13.41 21.16
C LEU B 404 0.38 -13.32 22.14
N PRO B 405 0.80 -14.44 22.74
CA PRO B 405 1.93 -14.38 23.68
C PRO B 405 3.21 -13.96 22.98
N PRO B 406 4.11 -13.25 23.66
CA PRO B 406 5.41 -12.96 23.05
C PRO B 406 6.17 -14.24 22.75
N GLU B 407 6.88 -14.25 21.64
CA GLU B 407 7.59 -15.43 21.17
C GLU B 407 9.04 -15.42 21.63
N LYS B 408 9.60 -16.61 21.80
CA LYS B 408 10.98 -16.75 22.24
C LYS B 408 11.92 -16.71 21.04
N ILE B 409 12.75 -15.69 20.97
CA ILE B 409 13.75 -15.56 19.92
C ILE B 409 15.01 -16.29 20.39
N LEU B 410 15.55 -17.15 19.53
CA LEU B 410 16.52 -18.15 19.92
C LEU B 410 17.84 -17.87 19.21
N PHE B 411 18.87 -17.51 19.99
CA PHE B 411 20.22 -17.33 19.48
C PHE B 411 21.05 -18.57 19.82
N LYS B 412 22.29 -18.60 19.31
CA LYS B 412 23.08 -19.84 19.35
C LYS B 412 23.30 -20.31 20.79
N HIS B 413 23.78 -19.42 21.65
CA HIS B 413 24.12 -19.78 23.03
C HIS B 413 23.15 -19.20 24.05
N SER B 414 22.21 -18.37 23.65
CA SER B 414 21.25 -17.76 24.56
C SER B 414 19.95 -17.52 23.83
N SER B 415 18.88 -17.31 24.61
CA SER B 415 17.56 -16.99 24.09
C SER B 415 17.09 -15.68 24.73
N ILE B 416 16.55 -14.79 23.91
CA ILE B 416 16.08 -13.48 24.37
C ILE B 416 14.59 -13.38 24.01
N VAL B 417 13.76 -13.13 25.02
CA VAL B 417 12.35 -12.88 24.78
C VAL B 417 12.15 -11.40 24.50
N ALA B 418 11.55 -11.09 23.35
CA ALA B 418 11.41 -9.71 22.93
C ALA B 418 10.50 -8.93 23.88
N ASN B 419 10.83 -7.67 24.10
CA ASN B 419 10.07 -6.81 24.97
C ASN B 419 8.76 -6.38 24.29
N MET B 420 8.01 -5.51 24.95
CA MET B 420 6.75 -5.03 24.38
C MET B 420 6.98 -4.31 23.06
N GLU B 421 8.07 -3.53 22.98
CA GLU B 421 8.43 -2.88 21.73
C GLU B 421 8.79 -3.89 20.63
N ALA B 422 9.06 -5.14 20.99
CA ALA B 422 9.41 -6.19 20.04
C ALA B 422 10.67 -5.81 19.27
N ASP B 423 11.67 -5.32 19.99
CA ASP B 423 12.97 -4.99 19.43
C ASP B 423 14.04 -5.65 20.29
N TRP B 424 15.03 -6.25 19.63
CA TRP B 424 16.19 -6.84 20.31
C TRP B 424 17.48 -6.42 19.60
N SER B 425 17.47 -5.22 19.02
CA SER B 425 18.63 -4.76 18.25
C SER B 425 19.87 -4.65 19.14
N ARG B 426 19.70 -4.11 20.35
CA ARG B 426 20.83 -4.05 21.28
C ARG B 426 21.29 -5.44 21.68
N GLU B 427 20.35 -6.35 21.94
CA GLU B 427 20.72 -7.69 22.39
C GLU B 427 21.43 -8.47 21.31
N CYS B 428 21.09 -8.23 20.04
CA CYS B 428 21.71 -8.98 18.95
C CYS B 428 23.21 -8.70 18.86
N LEU B 429 23.63 -7.51 19.30
CA LEU B 429 25.04 -7.18 19.26
C LEU B 429 25.85 -8.07 20.20
N LYS B 430 25.24 -8.49 21.31
CA LYS B 430 25.96 -9.15 22.40
C LYS B 430 25.78 -10.67 22.42
N GLU B 431 25.20 -11.26 21.39
CA GLU B 431 24.97 -12.70 21.34
C GLU B 431 25.40 -13.26 19.99
N HIS B 432 25.78 -14.54 20.01
CA HIS B 432 26.35 -15.18 18.83
C HIS B 432 25.26 -15.70 17.91
N VAL B 433 25.50 -15.59 16.62
CA VAL B 433 24.53 -16.00 15.61
C VAL B 433 24.44 -17.52 15.57
N ILE B 434 23.28 -18.03 15.12
CA ILE B 434 23.00 -19.47 15.16
C ILE B 434 24.08 -20.24 14.40
N SER B 435 24.20 -19.98 13.10
CA SER B 435 25.20 -20.63 12.26
C SER B 435 25.88 -19.56 11.42
N ALA B 436 27.20 -19.47 11.54
CA ALA B 436 27.98 -18.41 10.92
C ALA B 436 28.91 -18.99 9.86
N VAL B 437 28.93 -18.36 8.69
CA VAL B 437 29.89 -18.72 7.67
C VAL B 437 31.19 -18.00 7.99
N SER B 438 32.18 -18.77 8.44
CA SER B 438 33.47 -18.19 8.83
C SER B 438 34.11 -17.50 7.63
N LEU B 439 34.44 -16.22 7.81
CA LEU B 439 34.96 -15.39 6.73
C LEU B 439 36.47 -15.63 6.63
N LEU B 440 36.83 -16.75 6.00
CA LEU B 440 38.24 -17.00 5.73
C LEU B 440 38.83 -15.94 4.82
N ASP B 441 38.08 -15.53 3.79
CA ASP B 441 38.53 -14.47 2.90
C ASP B 441 37.32 -13.73 2.34
N TRP B 442 37.45 -12.42 2.28
CA TRP B 442 36.48 -11.55 1.61
C TRP B 442 37.25 -10.34 1.12
N ALA B 443 36.67 -9.63 0.17
CA ALA B 443 37.38 -8.55 -0.51
C ALA B 443 36.71 -7.21 -0.23
N VAL B 444 37.48 -6.14 -0.42
CA VAL B 444 36.97 -4.78 -0.31
C VAL B 444 37.51 -3.95 -1.48
N LEU B 445 36.59 -3.38 -2.26
CA LEU B 445 36.91 -2.40 -3.29
C LEU B 445 36.73 -1.01 -2.72
N PHE B 446 37.65 -0.09 -3.03
CA PHE B 446 37.44 1.30 -2.64
C PHE B 446 38.20 2.25 -3.55
N VAL B 447 37.80 3.52 -3.52
CA VAL B 447 38.50 4.56 -4.25
C VAL B 447 39.62 5.13 -3.39
N ARG B 448 40.61 5.72 -4.06
CA ARG B 448 41.79 6.23 -3.35
C ARG B 448 41.41 7.32 -2.36
N LYS B 449 40.36 8.10 -2.66
CA LYS B 449 39.94 9.15 -1.75
C LYS B 449 39.47 8.57 -0.41
N ASP B 450 38.70 7.48 -0.46
CA ASP B 450 38.13 6.86 0.73
C ASP B 450 38.95 5.66 1.20
N GLN B 451 40.23 5.59 0.83
CA GLN B 451 41.07 4.49 1.29
C GLN B 451 41.19 4.48 2.82
N GLY B 452 41.35 5.66 3.42
CA GLY B 452 41.33 5.75 4.87
C GLY B 452 40.02 5.27 5.46
N LYS B 453 38.91 5.66 4.82
CA LYS B 453 37.60 5.21 5.29
C LYS B 453 37.51 3.69 5.25
N ALA B 454 37.95 3.09 4.13
CA ALA B 454 37.89 1.65 4.01
C ALA B 454 38.75 0.97 5.07
N THR B 455 39.95 1.49 5.31
CA THR B 455 40.83 0.87 6.30
C THR B 455 40.23 0.94 7.70
N ASP B 456 39.73 2.10 8.11
CA ASP B 456 39.18 2.20 9.46
C ASP B 456 37.91 1.36 9.59
N PHE B 457 37.08 1.31 8.54
CA PHE B 457 35.90 0.46 8.59
C PHE B 457 36.28 -1.00 8.73
N VAL B 458 37.29 -1.44 7.98
CA VAL B 458 37.72 -2.84 8.05
C VAL B 458 38.25 -3.15 9.44
N ASN B 459 39.03 -2.23 10.01
CA ASN B 459 39.54 -2.44 11.36
C ASN B 459 38.41 -2.57 12.36
N MET B 460 37.43 -1.66 12.30
CA MET B 460 36.30 -1.74 13.22
C MET B 460 35.52 -3.03 13.02
N LEU B 461 35.30 -3.43 11.77
CA LEU B 461 34.53 -4.63 11.47
C LEU B 461 35.21 -5.86 12.05
N SER B 462 36.52 -5.96 11.86
CA SER B 462 37.28 -7.05 12.46
C SER B 462 37.20 -7.01 13.98
N LYS B 463 37.15 -5.81 14.55
CA LYS B 463 37.05 -5.71 16.01
C LYS B 463 35.70 -6.21 16.50
N VAL B 464 34.62 -5.89 15.79
CA VAL B 464 33.29 -6.13 16.34
C VAL B 464 32.79 -7.52 15.99
N CYS B 465 33.36 -8.16 14.97
CA CYS B 465 32.85 -9.48 14.58
C CYS B 465 32.95 -10.56 15.64
N PRO B 466 34.07 -10.76 16.33
CA PRO B 466 34.19 -11.93 17.23
C PRO B 466 33.15 -11.95 18.32
N PRO B 467 32.71 -10.79 18.86
CA PRO B 467 31.60 -10.81 19.82
C PRO B 467 30.34 -11.50 19.33
N ILE B 468 30.00 -11.36 18.05
CA ILE B 468 28.75 -11.89 17.51
C ILE B 468 28.90 -13.29 16.94
N GLY B 469 30.02 -13.97 17.18
CA GLY B 469 30.20 -15.36 16.83
C GLY B 469 30.92 -15.59 15.52
N MET B 470 30.86 -14.63 14.61
CA MET B 470 31.54 -14.77 13.34
C MET B 470 33.05 -14.73 13.54
N GLU B 471 33.77 -15.47 12.71
CA GLU B 471 35.22 -15.47 12.67
C GLU B 471 35.68 -14.91 11.33
N VAL B 472 36.44 -13.82 11.38
CA VAL B 472 36.78 -13.06 10.18
C VAL B 472 38.28 -12.86 10.11
N HIS B 473 38.81 -12.88 8.89
CA HIS B 473 40.21 -12.63 8.61
C HIS B 473 40.32 -11.35 7.78
N GLU B 474 41.54 -10.84 7.67
CA GLU B 474 41.74 -9.57 7.00
C GLU B 474 41.43 -9.73 5.51
N PRO B 475 40.91 -8.69 4.84
CA PRO B 475 40.42 -8.88 3.47
C PRO B 475 41.52 -8.78 2.43
N LYS B 476 41.09 -8.89 1.17
CA LYS B 476 41.89 -8.41 0.05
C LYS B 476 41.40 -7.01 -0.33
N MET B 477 42.27 -6.02 -0.15
CA MET B 477 41.94 -4.62 -0.39
C MET B 477 42.40 -4.23 -1.79
N VAL B 478 41.47 -3.75 -2.61
CA VAL B 478 41.77 -3.28 -3.96
C VAL B 478 41.31 -1.84 -4.08
N GLU B 479 42.21 -0.98 -4.54
CA GLU B 479 41.91 0.42 -4.78
C GLU B 479 41.49 0.58 -6.23
N VAL B 480 40.19 0.83 -6.47
CA VAL B 480 39.71 1.00 -7.82
C VAL B 480 40.37 2.23 -8.42
N VAL B 481 40.67 2.15 -9.73
CA VAL B 481 41.43 3.22 -10.37
C VAL B 481 40.63 4.52 -10.35
N ASN B 482 39.33 4.45 -10.61
CA ASN B 482 38.48 5.63 -10.67
C ASN B 482 37.14 5.33 -10.00
N ASP B 483 36.46 6.39 -9.55
CA ASP B 483 35.19 6.21 -8.80
C ASP B 483 34.10 5.69 -9.74
N ARG B 484 34.28 5.79 -11.06
CA ARG B 484 33.23 5.39 -11.98
C ARG B 484 32.97 3.90 -11.88
N THR B 485 31.75 3.50 -12.26
CA THR B 485 31.35 2.10 -12.11
C THR B 485 32.16 1.19 -13.02
N GLU B 486 32.61 1.70 -14.17
CA GLU B 486 33.30 0.85 -15.13
C GLU B 486 34.59 0.29 -14.55
N SER B 487 35.36 1.13 -13.84
CA SER B 487 36.56 0.65 -13.18
C SER B 487 36.23 -0.36 -12.10
N TYR B 488 35.13 -0.14 -11.37
CA TYR B 488 34.69 -1.11 -10.38
C TYR B 488 34.43 -2.47 -11.03
N LEU B 489 33.74 -2.47 -12.18
CA LEU B 489 33.48 -3.72 -12.88
C LEU B 489 34.77 -4.37 -13.36
N ARG B 490 35.68 -3.56 -13.90
CA ARG B 490 36.93 -4.12 -14.41
C ARG B 490 37.73 -4.79 -13.31
N ALA B 491 37.73 -4.19 -12.11
CA ALA B 491 38.37 -4.84 -10.97
C ALA B 491 37.58 -6.07 -10.52
N LEU B 492 36.25 -5.98 -10.57
CA LEU B 492 35.41 -7.04 -10.03
C LEU B 492 35.57 -8.34 -10.81
N ARG B 493 35.66 -8.26 -12.14
CA ARG B 493 35.80 -9.48 -12.93
C ARG B 493 37.04 -10.26 -12.53
N GLU B 494 38.16 -9.56 -12.32
CA GLU B 494 39.40 -10.26 -11.97
C GLU B 494 39.40 -10.70 -10.52
N LEU B 495 38.79 -9.91 -9.64
CA LEU B 495 38.87 -10.19 -8.20
C LEU B 495 38.15 -11.49 -7.86
N ILE B 496 36.89 -11.63 -8.27
CA ILE B 496 36.06 -12.71 -7.77
C ILE B 496 36.59 -14.06 -8.24
N ALA B 497 36.52 -15.04 -7.36
CA ALA B 497 37.00 -16.39 -7.62
C ALA B 497 36.02 -17.37 -6.99
N PRO B 498 36.05 -18.64 -7.41
CA PRO B 498 35.22 -19.64 -6.70
C PRO B 498 35.55 -19.73 -5.22
N ARG B 499 36.82 -19.51 -4.86
CA ARG B 499 37.21 -19.53 -3.46
C ARG B 499 36.60 -18.36 -2.68
N LEU B 500 36.56 -17.18 -3.30
CA LEU B 500 36.13 -15.97 -2.62
C LEU B 500 34.67 -16.08 -2.21
N GLN B 501 34.37 -15.65 -0.98
CA GLN B 501 33.02 -15.82 -0.44
C GLN B 501 32.19 -14.55 -0.59
N MET B 502 32.80 -13.38 -0.49
CA MET B 502 32.05 -12.12 -0.60
C MET B 502 32.98 -10.97 -0.97
N VAL B 503 32.40 -10.00 -1.65
CA VAL B 503 33.05 -8.74 -1.98
C VAL B 503 32.23 -7.60 -1.38
N VAL B 504 32.90 -6.66 -0.73
CA VAL B 504 32.29 -5.44 -0.22
C VAL B 504 32.82 -4.29 -1.06
N ILE B 505 32.01 -3.26 -1.26
CA ILE B 505 32.32 -2.17 -2.16
C ILE B 505 32.10 -0.85 -1.44
N VAL B 506 33.03 0.09 -1.63
CA VAL B 506 32.94 1.44 -1.09
C VAL B 506 32.54 2.38 -2.22
N PHE B 507 31.60 3.27 -1.93
CA PHE B 507 31.01 4.16 -2.93
C PHE B 507 31.08 5.60 -2.42
N PRO B 508 31.64 6.55 -3.17
CA PRO B 508 31.64 7.93 -2.66
C PRO B 508 30.28 8.59 -2.70
N THR B 509 29.54 8.40 -3.80
CA THR B 509 28.24 9.04 -4.01
C THR B 509 27.18 7.97 -4.22
N SER B 510 25.98 8.24 -3.72
CA SER B 510 24.86 7.31 -3.81
C SER B 510 24.14 7.54 -5.13
N ARG B 511 24.43 6.69 -6.11
CA ARG B 511 23.79 6.73 -7.42
C ARG B 511 23.24 5.34 -7.70
N ASP B 512 22.03 5.29 -8.27
CA ASP B 512 21.35 4.01 -8.42
C ASP B 512 21.94 3.16 -9.55
N ASP B 513 22.46 3.82 -10.59
CA ASP B 513 22.98 3.06 -11.73
C ASP B 513 24.20 2.22 -11.36
N ARG B 514 25.12 2.80 -10.59
CA ARG B 514 26.30 2.05 -10.15
C ARG B 514 25.90 0.87 -9.28
N TYR B 515 24.97 1.08 -8.35
CA TYR B 515 24.44 0.00 -7.54
C TYR B 515 23.82 -1.08 -8.42
N SER B 516 23.08 -0.66 -9.45
CA SER B 516 22.43 -1.63 -10.34
C SER B 516 23.45 -2.47 -11.07
N ALA B 517 24.52 -1.85 -11.59
CA ALA B 517 25.53 -2.61 -12.31
C ALA B 517 26.25 -3.58 -11.39
N VAL B 518 26.61 -3.12 -10.19
CA VAL B 518 27.27 -4.01 -9.22
C VAL B 518 26.36 -5.20 -8.92
N LYS B 519 25.08 -4.94 -8.66
CA LYS B 519 24.18 -6.02 -8.28
C LYS B 519 23.88 -6.93 -9.47
N LYS B 520 23.92 -6.38 -10.69
CA LYS B 520 23.76 -7.22 -11.87
C LYS B 520 24.91 -8.21 -11.99
N LEU B 521 26.15 -7.75 -11.79
CA LEU B 521 27.27 -8.68 -11.85
C LEU B 521 27.19 -9.69 -10.71
N CYS B 522 26.83 -9.23 -9.51
CA CYS B 522 26.92 -10.10 -8.34
C CYS B 522 25.81 -11.15 -8.33
N CYS B 523 24.62 -10.80 -8.86
CA CYS B 523 23.47 -11.67 -8.72
C CYS B 523 23.29 -12.59 -9.93
N ILE B 524 23.57 -12.08 -11.14
CA ILE B 524 23.29 -12.78 -12.39
C ILE B 524 24.57 -13.32 -13.02
N GLU B 525 25.47 -12.42 -13.41
CA GLU B 525 26.56 -12.80 -14.32
C GLU B 525 27.56 -13.72 -13.63
N SER B 526 27.85 -13.48 -12.35
CA SER B 526 28.74 -14.34 -11.59
C SER B 526 28.14 -14.64 -10.22
N PRO B 527 28.33 -15.86 -9.69
CA PRO B 527 27.74 -16.20 -8.39
C PRO B 527 28.59 -15.73 -7.22
N ILE B 528 28.45 -14.47 -6.82
CA ILE B 528 29.18 -13.91 -5.69
C ILE B 528 28.21 -13.05 -4.89
N PRO B 529 27.88 -13.40 -3.64
CA PRO B 529 27.15 -12.44 -2.80
C PRO B 529 28.01 -11.23 -2.50
N SER B 530 27.37 -10.07 -2.36
CA SER B 530 28.10 -8.82 -2.22
C SER B 530 27.30 -7.82 -1.40
N GLN B 531 28.01 -6.83 -0.88
CA GLN B 531 27.43 -5.75 -0.09
C GLN B 531 28.02 -4.43 -0.59
N VAL B 532 27.18 -3.40 -0.68
CA VAL B 532 27.57 -2.09 -1.18
C VAL B 532 27.40 -1.07 -0.06
N LEU B 533 28.42 -0.26 0.17
CA LEU B 533 28.43 0.74 1.23
C LEU B 533 28.82 2.09 0.64
N ILE B 534 27.96 3.10 0.83
CA ILE B 534 28.28 4.46 0.42
C ILE B 534 29.10 5.12 1.53
N ALA B 535 30.03 5.98 1.14
CA ALA B 535 31.02 6.51 2.08
C ALA B 535 30.38 7.31 3.20
N ARG B 536 29.26 8.00 2.91
CA ARG B 536 28.73 9.00 3.84
C ARG B 536 28.38 8.37 5.19
N THR B 537 27.78 7.17 5.18
CA THR B 537 27.36 6.57 6.44
C THR B 537 28.54 6.11 7.29
N ILE B 538 29.74 6.09 6.73
CA ILE B 538 30.92 5.59 7.42
C ILE B 538 31.95 6.70 7.65
N THR B 539 31.48 7.95 7.82
CA THR B 539 32.38 9.10 7.97
C THR B 539 32.69 9.28 9.45
N GLN B 540 33.50 8.37 9.98
CA GLN B 540 34.12 8.55 11.29
C GLN B 540 33.09 8.66 12.41
N GLN B 541 33.49 9.22 13.54
CA GLN B 541 32.62 9.46 14.71
C GLN B 541 32.18 8.09 15.24
N GLN B 542 30.97 7.97 15.79
CA GLN B 542 30.44 6.71 16.26
C GLN B 542 29.70 5.96 15.17
N LYS B 543 29.72 6.48 13.93
CA LYS B 543 29.11 5.77 12.82
C LYS B 543 29.74 4.39 12.63
N LEU B 544 31.03 4.27 12.96
CA LEU B 544 31.77 3.07 12.60
C LEU B 544 31.24 1.83 13.32
N ARG B 545 31.05 1.90 14.64
CA ARG B 545 30.57 0.74 15.38
C ARG B 545 29.19 0.30 14.92
N SER B 546 28.26 1.25 14.83
CA SER B 546 26.89 0.91 14.43
C SER B 546 26.85 0.34 13.02
N VAL B 547 27.56 0.97 12.09
CA VAL B 547 27.53 0.51 10.70
C VAL B 547 28.19 -0.86 10.57
N ALA B 548 29.31 -1.07 11.27
CA ALA B 548 29.96 -2.37 11.23
C ALA B 548 29.06 -3.46 11.81
N GLN B 549 28.38 -3.16 12.92
CA GLN B 549 27.54 -4.18 13.55
C GLN B 549 26.27 -4.45 12.77
N LYS B 550 25.77 -3.46 12.02
CA LYS B 550 24.60 -3.66 11.17
C LYS B 550 24.96 -4.13 9.77
N VAL B 551 26.24 -4.16 9.40
CA VAL B 551 26.68 -4.73 8.13
C VAL B 551 27.16 -6.16 8.32
N ALA B 552 27.76 -6.48 9.46
CA ALA B 552 28.23 -7.84 9.68
C ALA B 552 27.09 -8.84 9.66
N LEU B 553 25.97 -8.50 10.30
CA LEU B 553 24.82 -9.39 10.29
C LEU B 553 24.24 -9.53 8.89
N GLN B 554 24.19 -8.44 8.12
CA GLN B 554 23.70 -8.54 6.75
C GLN B 554 24.60 -9.42 5.91
N MET B 555 25.92 -9.28 6.06
CA MET B 555 26.84 -10.15 5.35
C MET B 555 26.62 -11.61 5.74
N ASN B 556 26.51 -11.89 7.03
CA ASN B 556 26.32 -13.27 7.47
C ASN B 556 24.99 -13.83 6.96
N ALA B 557 23.99 -12.98 6.76
CA ALA B 557 22.73 -13.44 6.20
C ALA B 557 22.86 -13.71 4.69
N LYS B 558 23.66 -12.90 4.00
CA LYS B 558 23.88 -13.10 2.57
C LYS B 558 24.75 -14.32 2.26
N LEU B 559 25.62 -14.74 3.19
CA LEU B 559 26.47 -15.92 2.99
C LEU B 559 25.73 -17.23 3.24
N GLY B 560 24.40 -17.22 3.31
CA GLY B 560 23.67 -18.45 3.57
C GLY B 560 23.84 -18.91 4.99
N GLY B 561 23.78 -17.97 5.93
CA GLY B 561 23.79 -18.29 7.34
C GLY B 561 22.65 -17.60 8.04
N GLU B 562 22.13 -18.26 9.07
CA GLU B 562 20.99 -17.76 9.82
C GLU B 562 21.45 -17.08 11.10
N LEU B 563 20.76 -15.98 11.44
CA LEU B 563 21.12 -15.17 12.59
C LEU B 563 20.40 -15.61 13.86
N TRP B 564 19.08 -15.76 13.81
CA TRP B 564 18.31 -16.25 14.95
C TRP B 564 17.24 -17.20 14.44
N ALA B 565 16.46 -17.73 15.37
CA ALA B 565 15.46 -18.74 15.05
C ALA B 565 14.27 -18.60 15.98
N VAL B 566 13.13 -19.12 15.54
CA VAL B 566 11.95 -19.28 16.37
C VAL B 566 11.41 -20.68 16.12
N GLU B 567 10.67 -21.19 17.11
CA GLU B 567 10.22 -22.57 17.08
C GLU B 567 8.88 -22.66 16.36
N ILE B 568 8.86 -23.30 15.20
CA ILE B 568 7.69 -23.42 14.34
C ILE B 568 7.18 -24.85 14.44
N PRO B 569 6.05 -25.11 15.12
CA PRO B 569 5.52 -26.47 15.19
C PRO B 569 5.38 -27.18 13.85
N LEU B 570 5.13 -26.45 12.76
CA LEU B 570 4.84 -27.11 11.50
C LEU B 570 6.04 -27.91 11.01
N LYS B 571 5.77 -29.16 10.60
CA LYS B 571 6.79 -30.10 10.15
C LYS B 571 6.55 -30.47 8.69
N SER B 572 7.64 -30.55 7.93
CA SER B 572 7.59 -30.86 6.51
C SER B 572 6.60 -29.94 5.77
N CYS B 573 6.63 -28.66 6.12
CA CYS B 573 5.80 -27.65 5.50
C CYS B 573 6.69 -26.70 4.70
N MET B 574 6.11 -26.13 3.65
CA MET B 574 6.84 -25.30 2.70
C MET B 574 6.08 -24.00 2.49
N VAL B 575 6.30 -23.03 3.37
CA VAL B 575 5.63 -21.74 3.27
C VAL B 575 6.10 -21.05 2.01
N VAL B 576 5.16 -20.46 1.27
CA VAL B 576 5.44 -19.77 0.02
C VAL B 576 4.90 -18.35 0.13
N GLY B 577 5.67 -17.38 -0.34
CA GLY B 577 5.26 -15.99 -0.33
C GLY B 577 5.34 -15.37 -1.71
N ILE B 578 4.23 -14.81 -2.18
CA ILE B 578 4.15 -14.20 -3.50
C ILE B 578 3.74 -12.75 -3.33
N ASP B 579 4.54 -11.85 -3.91
CA ASP B 579 4.21 -10.43 -3.97
C ASP B 579 4.73 -9.89 -5.29
N VAL B 580 3.94 -9.03 -5.92
CA VAL B 580 4.23 -8.51 -7.25
C VAL B 580 4.47 -7.01 -7.14
N TYR B 581 5.51 -6.53 -7.81
CA TYR B 581 5.89 -5.13 -7.82
C TYR B 581 5.61 -4.56 -9.21
N HIS B 582 4.56 -3.75 -9.31
CA HIS B 582 4.16 -3.17 -10.59
C HIS B 582 5.08 -1.99 -10.92
N ASP B 583 5.89 -2.16 -11.96
CA ASP B 583 6.81 -1.13 -12.42
C ASP B 583 6.31 -0.56 -13.74
N LYS B 584 5.97 0.73 -13.74
CA LYS B 584 5.52 1.37 -14.98
C LYS B 584 6.68 1.52 -15.96
N SER B 585 7.89 1.70 -15.44
CA SER B 585 9.04 1.98 -16.30
C SER B 585 9.37 0.79 -17.20
N TYR B 586 9.41 -0.42 -16.63
CA TYR B 586 9.91 -1.59 -17.36
C TYR B 586 8.78 -2.30 -18.09
N GLY B 587 8.05 -1.53 -18.88
CA GLY B 587 7.05 -2.12 -19.77
C GLY B 587 5.94 -2.86 -19.06
N ASN B 588 5.60 -2.44 -17.84
CA ASN B 588 4.50 -3.04 -17.09
C ASN B 588 4.66 -4.54 -16.94
N LYS B 589 5.90 -4.98 -16.70
CA LYS B 589 6.18 -6.40 -16.62
C LYS B 589 5.48 -7.08 -15.46
N SER B 590 5.10 -6.33 -14.42
CA SER B 590 4.48 -6.90 -13.22
C SER B 590 5.35 -8.00 -12.63
N ILE B 591 6.51 -7.59 -12.12
CA ILE B 591 7.51 -8.52 -11.62
C ILE B 591 6.93 -9.24 -10.40
N ALA B 592 6.90 -10.56 -10.44
CA ALA B 592 6.35 -11.38 -9.36
C ALA B 592 7.47 -12.10 -8.62
N GLY B 593 7.45 -12.02 -7.30
CA GLY B 593 8.41 -12.72 -6.47
C GLY B 593 7.91 -14.10 -6.10
N PHE B 594 8.82 -14.94 -5.61
CA PHE B 594 8.46 -16.27 -5.17
C PHE B 594 9.53 -16.77 -4.22
N VAL B 595 9.21 -16.85 -2.93
CA VAL B 595 10.18 -17.23 -1.91
C VAL B 595 9.57 -18.37 -1.09
N ALA B 596 10.26 -19.50 -1.05
CA ALA B 596 9.75 -20.69 -0.37
C ALA B 596 10.79 -21.26 0.56
N SER B 597 10.41 -21.54 1.80
CA SER B 597 11.33 -22.10 2.78
C SER B 597 11.77 -23.48 2.35
N THR B 598 13.00 -23.83 2.71
CA THR B 598 13.57 -25.15 2.47
C THR B 598 14.21 -25.69 3.74
N ASN B 599 13.50 -25.55 4.86
CA ASN B 599 13.99 -26.02 6.14
C ASN B 599 12.84 -26.22 7.12
N PRO B 600 12.90 -27.20 8.02
CA PRO B 600 11.89 -27.26 9.09
C PRO B 600 11.89 -26.03 9.99
N SER B 601 13.03 -25.38 10.19
CA SER B 601 13.15 -24.24 11.08
C SER B 601 12.95 -22.90 10.37
N PHE B 602 12.73 -22.92 9.06
CA PHE B 602 12.39 -21.71 8.31
C PHE B 602 13.48 -20.64 8.44
N THR B 603 14.73 -21.06 8.20
CA THR B 603 15.88 -20.16 8.23
C THR B 603 16.57 -20.00 6.89
N ARG B 604 16.39 -20.95 5.97
CA ARG B 604 16.92 -20.87 4.62
C ARG B 604 15.76 -20.90 3.62
N TRP B 605 15.96 -20.24 2.48
CA TRP B 605 14.89 -20.00 1.53
C TRP B 605 15.39 -20.26 0.12
N TYR B 606 14.43 -20.53 -0.77
CA TYR B 606 14.66 -20.71 -2.20
C TYR B 606 13.88 -19.62 -2.93
N SER B 607 14.58 -18.86 -3.77
CA SER B 607 14.06 -17.65 -4.38
C SER B 607 13.98 -17.81 -5.90
N ARG B 608 12.82 -17.50 -6.46
CA ARG B 608 12.61 -17.42 -7.90
C ARG B 608 11.76 -16.20 -8.17
N THR B 609 11.76 -15.75 -9.41
CA THR B 609 10.96 -14.60 -9.83
C THR B 609 10.33 -14.90 -11.20
N ALA B 610 9.06 -14.57 -11.32
CA ALA B 610 8.25 -14.85 -12.49
C ALA B 610 7.85 -13.54 -13.15
N MET B 611 8.03 -13.45 -14.47
CA MET B 611 7.73 -12.25 -15.23
C MET B 611 7.22 -12.62 -16.61
N GLN B 612 6.18 -11.95 -17.06
CA GLN B 612 5.57 -12.21 -18.36
C GLN B 612 4.59 -11.10 -18.66
N GLU B 613 4.26 -10.95 -19.95
CA GLU B 613 3.25 -10.00 -20.40
C GLU B 613 2.19 -10.69 -21.24
N LEU B 618 1.51 -14.11 -11.56
CA LEU B 618 1.36 -14.22 -13.01
C LEU B 618 0.95 -15.64 -13.39
N ILE B 619 0.73 -15.89 -14.68
CA ILE B 619 0.00 -17.09 -15.10
C ILE B 619 0.93 -18.29 -15.22
N HIS B 620 1.87 -18.23 -16.17
CA HIS B 620 2.57 -19.43 -16.61
C HIS B 620 3.97 -19.59 -16.05
N GLU B 621 4.59 -18.52 -15.55
CA GLU B 621 5.90 -18.65 -14.90
C GLU B 621 5.79 -19.16 -13.48
N LEU B 622 4.69 -18.86 -12.78
CA LEU B 622 4.48 -19.40 -11.44
C LEU B 622 4.51 -20.93 -11.45
N LYS B 623 4.01 -21.53 -12.53
CA LYS B 623 4.12 -22.97 -12.74
C LYS B 623 5.54 -23.46 -12.50
N LEU B 624 6.46 -22.97 -13.34
CA LEU B 624 7.83 -23.46 -13.30
C LEU B 624 8.53 -23.08 -12.00
N CYS B 625 8.22 -21.89 -11.48
CA CYS B 625 8.80 -21.52 -10.19
C CYS B 625 8.39 -22.51 -9.11
N MET B 626 7.12 -22.89 -9.08
CA MET B 626 6.63 -23.80 -8.05
C MET B 626 7.22 -25.20 -8.22
N GLN B 627 7.31 -25.70 -9.45
CA GLN B 627 7.92 -27.01 -9.66
C GLN B 627 9.39 -27.00 -9.26
N ALA B 628 10.12 -25.95 -9.61
CA ALA B 628 11.54 -25.88 -9.25
C ALA B 628 11.71 -25.83 -7.74
N ALA B 629 10.84 -25.09 -7.04
CA ALA B 629 10.92 -25.04 -5.59
C ALA B 629 10.63 -26.41 -4.97
N LEU B 630 9.62 -27.12 -5.49
CA LEU B 630 9.36 -28.48 -5.00
C LEU B 630 10.57 -29.37 -5.20
N LYS B 631 11.23 -29.25 -6.36
CA LYS B 631 12.42 -30.03 -6.63
C LYS B 631 13.54 -29.71 -5.65
N LYS B 632 13.73 -28.42 -5.35
CA LYS B 632 14.78 -28.04 -4.39
C LYS B 632 14.50 -28.60 -3.01
N TYR B 633 13.25 -28.52 -2.55
CA TYR B 633 12.92 -29.09 -1.25
C TYR B 633 13.15 -30.59 -1.23
N ASN B 634 12.80 -31.27 -2.32
CA ASN B 634 13.04 -32.71 -2.39
C ASN B 634 14.53 -33.01 -2.35
N GLU B 635 15.33 -32.23 -3.07
CA GLU B 635 16.77 -32.44 -3.06
C GLU B 635 17.34 -32.26 -1.66
N MET B 636 16.86 -31.24 -0.94
CA MET B 636 17.47 -30.92 0.36
C MET B 636 17.04 -31.88 1.45
N ASN B 637 15.74 -32.13 1.60
CA ASN B 637 15.23 -32.85 2.76
C ASN B 637 14.93 -34.33 2.49
N GLN B 638 15.20 -34.81 1.27
CA GLN B 638 15.03 -36.23 0.94
C GLN B 638 13.59 -36.69 1.18
N SER B 639 12.64 -35.79 0.94
CA SER B 639 11.23 -36.06 1.18
C SER B 639 10.44 -35.09 0.31
N LEU B 640 9.14 -34.97 0.58
CA LEU B 640 8.33 -33.92 -0.04
C LEU B 640 7.38 -33.38 1.01
N PRO B 641 7.03 -32.09 0.93
CA PRO B 641 6.16 -31.51 1.96
C PRO B 641 4.73 -31.99 1.84
N GLU B 642 4.09 -32.09 2.99
CA GLU B 642 2.66 -32.42 3.02
C GLU B 642 1.78 -31.19 2.95
N ARG B 643 2.23 -30.07 3.52
CA ARG B 643 1.51 -28.80 3.48
C ARG B 643 2.31 -27.79 2.66
N ILE B 644 1.58 -26.93 1.95
CA ILE B 644 2.16 -25.81 1.20
C ILE B 644 1.28 -24.60 1.48
N ILE B 645 1.82 -23.61 2.18
CA ILE B 645 1.09 -22.42 2.59
C ILE B 645 1.52 -21.27 1.69
N VAL B 646 0.56 -20.65 1.00
CA VAL B 646 0.83 -19.60 0.02
C VAL B 646 0.25 -18.30 0.55
N PHE B 647 1.10 -17.29 0.75
CA PHE B 647 0.68 -15.95 1.14
C PHE B 647 0.78 -15.06 -0.09
N ARG B 648 -0.35 -14.52 -0.53
CA ARG B 648 -0.42 -13.73 -1.75
C ARG B 648 -0.60 -12.25 -1.40
N ASP B 649 0.27 -11.41 -1.96
CA ASP B 649 0.25 -9.97 -1.75
C ASP B 649 0.20 -9.29 -3.11
N GLY B 650 0.05 -7.96 -3.08
CA GLY B 650 0.02 -7.19 -4.30
C GLY B 650 -1.21 -7.36 -5.15
N VAL B 651 -2.31 -7.84 -4.58
CA VAL B 651 -3.58 -8.02 -5.28
C VAL B 651 -4.60 -7.12 -4.62
N GLY B 652 -5.32 -6.36 -5.44
CA GLY B 652 -6.32 -5.44 -4.92
C GLY B 652 -7.53 -6.17 -4.35
N GLU B 653 -8.36 -5.40 -3.66
CA GLU B 653 -9.57 -5.97 -3.07
C GLU B 653 -10.52 -6.50 -4.14
N GLY B 654 -10.62 -5.79 -5.26
CA GLY B 654 -11.52 -6.23 -6.32
C GLY B 654 -11.08 -7.52 -6.97
N ARG B 655 -9.77 -7.71 -7.16
CA ARG B 655 -9.23 -8.84 -7.90
C ARG B 655 -8.97 -10.06 -7.02
N GLU B 656 -9.47 -10.07 -5.79
CA GLU B 656 -9.27 -11.26 -4.94
C GLU B 656 -9.98 -12.47 -5.53
N GLU B 657 -11.19 -12.30 -6.05
CA GLU B 657 -11.92 -13.42 -6.61
C GLU B 657 -11.23 -13.94 -7.87
N TYR B 658 -10.53 -13.07 -8.60
CA TYR B 658 -9.80 -13.49 -9.79
C TYR B 658 -8.73 -14.51 -9.44
N VAL B 659 -8.02 -14.28 -8.32
CA VAL B 659 -6.99 -15.22 -7.89
C VAL B 659 -7.60 -16.59 -7.60
N SER B 660 -8.72 -16.60 -6.88
CA SER B 660 -9.36 -17.87 -6.55
C SER B 660 -9.84 -18.59 -7.81
N GLU B 661 -10.34 -17.83 -8.78
CA GLU B 661 -10.87 -18.45 -9.99
C GLU B 661 -9.75 -19.04 -10.85
N PHE B 662 -8.65 -18.31 -11.04
CA PHE B 662 -7.68 -18.64 -12.07
C PHE B 662 -6.34 -19.17 -11.56
N GLU B 663 -5.93 -18.82 -10.34
CA GLU B 663 -4.60 -19.19 -9.86
C GLU B 663 -4.59 -20.47 -9.05
N VAL B 664 -5.54 -20.65 -8.13
CA VAL B 664 -5.51 -21.83 -7.25
C VAL B 664 -5.64 -23.13 -8.03
N PRO B 665 -6.63 -23.34 -8.91
CA PRO B 665 -6.69 -24.62 -9.62
C PRO B 665 -5.46 -24.90 -10.48
N GLN B 666 -4.89 -23.86 -11.09
CA GLN B 666 -3.68 -24.04 -11.87
C GLN B 666 -2.56 -24.60 -11.00
N PHE B 667 -2.36 -24.01 -9.82
CA PHE B 667 -1.37 -24.55 -8.88
C PHE B 667 -1.71 -25.98 -8.52
N ASN B 668 -2.98 -26.25 -8.17
CA ASN B 668 -3.38 -27.57 -7.71
C ASN B 668 -3.04 -28.64 -8.73
N SER B 669 -3.28 -28.37 -10.01
CA SER B 669 -2.98 -29.36 -11.04
C SER B 669 -1.48 -29.42 -11.34
N CYS B 670 -0.80 -28.27 -11.32
CA CYS B 670 0.53 -28.20 -11.91
C CYS B 670 1.55 -29.00 -11.11
N PHE B 671 1.61 -28.82 -9.79
CA PHE B 671 2.60 -29.59 -9.04
C PHE B 671 2.17 -31.04 -8.94
N SER B 672 0.86 -31.30 -9.00
CA SER B 672 0.36 -32.66 -8.91
C SER B 672 0.80 -33.50 -10.11
N ILE B 673 0.77 -32.93 -11.32
CA ILE B 673 1.04 -33.74 -12.50
C ILE B 673 2.47 -34.28 -12.49
N PHE B 674 3.45 -33.45 -12.11
CA PHE B 674 4.82 -33.94 -12.06
C PHE B 674 4.94 -34.87 -10.85
N GLY B 675 5.81 -35.87 -10.97
CA GLY B 675 5.86 -36.92 -9.99
C GLY B 675 4.71 -37.90 -10.18
N GLU B 676 4.48 -38.72 -9.16
CA GLU B 676 3.44 -39.73 -9.19
C GLU B 676 2.58 -39.65 -7.94
N ASN B 677 1.30 -39.38 -8.13
CA ASN B 677 0.29 -39.44 -7.07
C ASN B 677 0.70 -38.59 -5.87
N TYR B 678 1.10 -37.35 -6.14
CA TYR B 678 1.50 -36.40 -5.10
C TYR B 678 0.47 -35.28 -5.06
N CYS B 679 -0.22 -35.15 -3.92
CA CYS B 679 -1.25 -34.16 -3.71
C CYS B 679 -0.91 -33.34 -2.47
N PRO B 680 -0.28 -32.17 -2.62
CA PRO B 680 -0.03 -31.33 -1.43
C PRO B 680 -1.25 -30.51 -1.08
N LYS B 681 -1.39 -30.12 0.18
CA LYS B 681 -2.41 -29.13 0.51
C LYS B 681 -1.93 -27.75 0.07
N LEU B 682 -2.88 -26.89 -0.29
CA LEU B 682 -2.56 -25.56 -0.79
C LEU B 682 -3.47 -24.56 -0.07
N ALA B 683 -2.98 -24.04 1.06
CA ALA B 683 -3.66 -22.96 1.76
C ALA B 683 -3.24 -21.64 1.11
N VAL B 684 -4.20 -20.95 0.50
CA VAL B 684 -3.97 -19.66 -0.13
C VAL B 684 -4.63 -18.58 0.72
N VAL B 685 -3.80 -17.67 1.22
CA VAL B 685 -4.21 -16.56 2.08
C VAL B 685 -3.76 -15.28 1.40
N VAL B 686 -4.64 -14.29 1.33
CA VAL B 686 -4.36 -13.03 0.66
C VAL B 686 -4.08 -11.96 1.73
N VAL B 687 -3.01 -11.20 1.53
CA VAL B 687 -2.54 -10.20 2.49
C VAL B 687 -2.72 -8.82 1.87
N GLN B 688 -3.29 -7.89 2.63
CA GLN B 688 -3.47 -6.52 2.17
C GLN B 688 -2.89 -5.56 3.20
N LYS B 689 -2.09 -4.61 2.73
CA LYS B 689 -1.48 -3.61 3.58
C LYS B 689 -2.30 -2.31 3.63
N ARG B 690 -2.62 -1.76 2.46
CA ARG B 690 -3.33 -0.49 2.38
C ARG B 690 -4.80 -0.73 2.70
N ILE B 691 -5.18 -0.42 3.94
CA ILE B 691 -6.57 -0.50 4.39
C ILE B 691 -6.88 0.76 5.17
N THR B 692 -8.18 1.08 5.24
CA THR B 692 -8.67 2.24 5.97
C THR B 692 -9.11 1.89 7.39
N THR B 693 -8.92 0.65 7.81
CA THR B 693 -9.30 0.21 9.15
C THR B 693 -8.19 0.57 10.13
N ARG B 694 -8.57 1.09 11.29
CA ARG B 694 -7.65 1.44 12.35
C ARG B 694 -8.10 0.76 13.64
N ILE B 695 -7.14 0.20 14.38
CA ILE B 695 -7.40 -0.41 15.67
C ILE B 695 -6.62 0.38 16.71
N PHE B 696 -7.34 0.98 17.67
CA PHE B 696 -6.77 1.62 18.83
C PHE B 696 -7.00 0.77 20.06
N GLY B 697 -6.24 1.05 21.11
CA GLY B 697 -6.42 0.39 22.38
C GLY B 697 -6.69 1.40 23.48
N ARG B 698 -7.29 0.96 24.58
CA ARG B 698 -7.52 1.82 25.73
C ARG B 698 -7.38 0.99 27.01
N SER B 699 -7.10 1.70 28.11
CA SER B 699 -7.13 1.11 29.45
C SER B 699 -7.65 2.21 30.38
N GLY B 700 -8.95 2.19 30.62
CA GLY B 700 -9.62 3.28 31.31
C GLY B 700 -10.36 4.18 30.34
N HIS B 701 -9.79 5.33 30.02
CA HIS B 701 -10.37 6.29 29.09
C HIS B 701 -9.45 6.72 27.98
N SER B 702 -8.13 6.75 28.21
CA SER B 702 -7.18 7.25 27.23
C SER B 702 -7.04 6.27 26.08
N TYR B 703 -7.02 6.80 24.85
CA TYR B 703 -6.79 6.01 23.66
C TYR B 703 -5.30 6.02 23.31
N ASP B 704 -4.74 4.84 23.07
CA ASP B 704 -3.33 4.69 22.72
C ASP B 704 -3.19 3.53 21.76
N ASN B 705 -1.98 3.34 21.25
CA ASN B 705 -1.73 2.29 20.28
C ASN B 705 -1.74 0.93 20.98
N PRO B 706 -2.29 -0.11 20.34
CA PRO B 706 -2.20 -1.44 20.95
C PRO B 706 -0.77 -1.96 20.89
N PRO B 707 -0.35 -2.78 21.84
CA PRO B 707 0.97 -3.40 21.74
C PRO B 707 1.02 -4.35 20.55
N PRO B 708 2.20 -4.57 19.96
CA PRO B 708 2.28 -5.53 18.84
C PRO B 708 1.80 -6.92 19.25
N GLY B 709 1.05 -7.56 18.36
CA GLY B 709 0.65 -8.93 18.54
C GLY B 709 -0.79 -9.13 18.92
N VAL B 710 -1.68 -8.22 18.49
CA VAL B 710 -3.11 -8.30 18.79
C VAL B 710 -3.85 -8.70 17.53
N ILE B 711 -4.75 -9.68 17.69
CA ILE B 711 -5.59 -10.22 16.62
C ILE B 711 -7.00 -9.68 16.79
N VAL B 712 -7.64 -9.33 15.69
CA VAL B 712 -9.07 -9.03 15.65
C VAL B 712 -9.69 -9.91 14.57
N ASP B 713 -10.58 -10.81 14.99
CA ASP B 713 -11.13 -11.83 14.10
C ASP B 713 -12.65 -11.79 13.96
N HIS B 714 -13.37 -11.08 14.82
CA HIS B 714 -14.82 -11.07 14.80
C HIS B 714 -15.37 -9.64 14.81
N THR B 715 -16.63 -9.53 14.37
CA THR B 715 -17.43 -8.31 14.38
C THR B 715 -17.05 -7.32 13.27
N ILE B 716 -15.92 -7.55 12.59
CA ILE B 716 -15.57 -6.73 11.42
C ILE B 716 -15.15 -7.64 10.27
N THR B 717 -14.68 -8.84 10.57
CA THR B 717 -14.17 -9.74 9.55
C THR B 717 -15.31 -10.50 8.88
N LYS B 718 -15.19 -10.70 7.58
CA LYS B 718 -16.23 -11.30 6.76
C LYS B 718 -15.68 -12.52 6.04
N SER B 719 -16.27 -13.69 6.29
CA SER B 719 -15.96 -14.91 5.56
C SER B 719 -14.49 -15.30 5.71
N TYR B 720 -14.16 -15.69 6.95
CA TYR B 720 -12.86 -16.28 7.24
C TYR B 720 -11.69 -15.33 6.99
N ASP B 721 -11.66 -14.20 7.70
CA ASP B 721 -10.53 -13.28 7.64
C ASP B 721 -10.11 -12.90 9.06
N PHE B 722 -9.03 -12.13 9.15
CA PHE B 722 -8.61 -11.54 10.42
C PHE B 722 -7.64 -10.38 10.20
N TYR B 723 -7.42 -9.64 11.29
CA TYR B 723 -6.58 -8.46 11.32
C TYR B 723 -5.51 -8.69 12.39
N LEU B 724 -4.27 -8.30 12.10
CA LEU B 724 -3.17 -8.46 13.04
C LEU B 724 -2.35 -7.18 13.12
N VAL B 725 -2.04 -6.75 14.34
CA VAL B 725 -1.11 -5.65 14.57
C VAL B 725 0.21 -6.27 15.00
N SER B 726 1.29 -5.90 14.30
CA SER B 726 2.63 -6.43 14.60
C SER B 726 3.72 -5.38 14.65
N GLN B 727 3.53 -4.21 14.03
CA GLN B 727 4.54 -3.17 14.01
C GLN B 727 4.40 -2.25 15.22
N HIS B 728 5.54 -1.73 15.66
CA HIS B 728 5.61 -0.71 16.71
C HIS B 728 6.13 0.58 16.08
N VAL B 729 5.43 1.68 16.33
CA VAL B 729 5.74 2.98 15.74
C VAL B 729 6.16 3.92 16.86
N ARG B 730 7.29 4.61 16.65
CA ARG B 730 7.77 5.56 17.65
C ARG B 730 6.83 6.76 17.76
N GLN B 731 6.35 7.28 16.64
CA GLN B 731 5.46 8.43 16.60
C GLN B 731 4.25 8.09 15.75
N GLY B 732 3.06 8.25 16.32
CA GLY B 732 1.83 8.07 15.57
C GLY B 732 1.15 6.74 15.86
N THR B 733 0.16 6.46 15.02
CA THR B 733 -0.71 5.31 15.21
C THR B 733 -0.26 4.13 14.35
N VAL B 734 -0.75 2.94 14.71
CA VAL B 734 -0.42 1.70 14.00
C VAL B 734 -1.48 1.43 12.95
N SER B 735 -1.05 0.84 11.83
CA SER B 735 -1.93 0.44 10.74
C SER B 735 -1.98 -1.08 10.68
N PRO B 736 -3.08 -1.73 11.07
CA PRO B 736 -3.08 -3.20 11.10
C PRO B 736 -2.97 -3.80 9.71
N THR B 737 -2.76 -5.12 9.67
CA THR B 737 -2.64 -5.87 8.44
C THR B 737 -3.82 -6.82 8.31
N TYR B 738 -4.34 -6.87 7.07
CA TYR B 738 -5.52 -7.71 6.76
C TYR B 738 -5.08 -9.04 6.17
N TYR B 739 -5.69 -10.10 6.63
CA TYR B 739 -5.39 -11.44 6.15
C TYR B 739 -6.69 -12.11 5.74
N ARG B 740 -6.76 -12.54 4.47
CA ARG B 740 -7.99 -13.05 3.86
C ARG B 740 -7.73 -14.45 3.32
N VAL B 741 -8.26 -15.47 3.99
CA VAL B 741 -8.06 -16.86 3.60
C VAL B 741 -9.00 -17.17 2.44
N ILE B 742 -8.45 -17.22 1.21
CA ILE B 742 -9.27 -17.44 0.03
C ILE B 742 -9.42 -18.92 -0.31
N TYR B 743 -8.53 -19.79 0.18
CA TYR B 743 -8.73 -21.21 -0.08
C TYR B 743 -8.00 -22.05 0.97
N ASP B 744 -8.75 -22.69 1.86
CA ASP B 744 -8.19 -23.48 2.96
C ASP B 744 -8.60 -24.93 2.78
N LYS B 745 -7.63 -25.79 2.47
CA LYS B 745 -7.80 -27.23 2.47
C LYS B 745 -6.72 -27.93 3.28
N SER B 746 -5.90 -27.17 4.03
CA SER B 746 -4.71 -27.75 4.65
C SER B 746 -5.02 -28.44 5.96
N GLY B 747 -6.19 -28.20 6.54
CA GLY B 747 -6.50 -28.74 7.84
C GLY B 747 -5.88 -27.98 8.99
N LEU B 748 -5.11 -26.92 8.72
CA LEU B 748 -4.64 -26.05 9.78
C LEU B 748 -5.83 -25.39 10.46
N LYS B 749 -5.76 -25.29 11.78
CA LYS B 749 -6.76 -24.54 12.50
C LYS B 749 -6.63 -23.05 12.14
N PRO B 750 -7.71 -22.28 12.21
CA PRO B 750 -7.54 -20.83 12.09
C PRO B 750 -6.57 -20.27 13.11
N ASP B 751 -6.54 -20.85 14.31
CA ASP B 751 -5.65 -20.38 15.36
C ASP B 751 -4.20 -20.74 15.04
N HIS B 752 -3.96 -21.96 14.53
CA HIS B 752 -2.62 -22.37 14.17
C HIS B 752 -2.10 -21.68 12.92
N LEU B 753 -2.98 -21.05 12.13
CA LEU B 753 -2.56 -20.19 11.04
C LEU B 753 -2.30 -18.77 11.52
N GLN B 754 -3.13 -18.28 12.45
CA GLN B 754 -2.91 -16.95 13.03
C GLN B 754 -1.58 -16.90 13.77
N ARG B 755 -1.33 -17.87 14.66
CA ARG B 755 -0.07 -17.90 15.39
C ARG B 755 1.10 -18.09 14.44
N LEU B 756 0.92 -18.91 13.40
CA LEU B 756 1.99 -19.12 12.43
C LEU B 756 2.37 -17.84 11.72
N THR B 757 1.38 -17.09 11.23
CA THR B 757 1.69 -15.86 10.52
C THR B 757 2.14 -14.75 11.46
N TYR B 758 1.84 -14.85 12.75
CA TYR B 758 2.48 -13.95 13.71
C TYR B 758 3.95 -14.30 13.92
N LYS B 759 4.27 -15.59 14.08
CA LYS B 759 5.65 -16.02 14.27
C LYS B 759 6.50 -15.72 13.05
N LEU B 760 5.94 -15.87 11.86
CA LEU B 760 6.65 -15.53 10.63
C LEU B 760 6.95 -14.05 10.51
N THR B 761 6.32 -13.21 11.33
CA THR B 761 6.56 -11.77 11.28
C THR B 761 7.91 -11.37 11.86
N HIS B 762 8.48 -12.18 12.74
CA HIS B 762 9.78 -11.90 13.34
C HIS B 762 10.95 -12.40 12.51
N MET B 763 10.69 -13.06 11.38
CA MET B 763 11.74 -13.79 10.67
C MET B 763 12.48 -12.93 9.67
N TYR B 764 12.48 -11.61 9.86
CA TYR B 764 13.14 -10.70 8.94
C TYR B 764 14.53 -10.38 9.48
N TYR B 765 15.56 -10.65 8.67
CA TYR B 765 16.94 -10.55 9.11
C TYR B 765 17.57 -9.20 8.84
N ASN B 766 16.86 -8.28 8.18
CA ASN B 766 17.34 -6.90 8.05
C ASN B 766 16.93 -6.04 9.24
N TRP B 767 15.74 -6.24 9.77
CA TRP B 767 15.25 -5.51 10.93
C TRP B 767 15.11 -6.46 12.11
N PRO B 768 15.96 -6.38 13.15
CA PRO B 768 15.75 -7.26 14.31
C PRO B 768 14.52 -6.82 15.09
N GLY B 769 13.44 -7.58 14.96
CA GLY B 769 12.14 -7.20 15.47
C GLY B 769 11.07 -7.50 14.44
N THR B 770 9.86 -7.06 14.74
CA THR B 770 8.71 -7.37 13.91
C THR B 770 8.63 -6.44 12.70
N ILE B 771 7.83 -6.85 11.73
CA ILE B 771 7.52 -6.03 10.56
C ILE B 771 6.02 -6.11 10.28
N ARG B 772 5.56 -5.45 9.23
CA ARG B 772 4.13 -5.43 8.93
C ARG B 772 3.69 -6.75 8.28
N THR B 773 4.28 -7.09 7.15
CA THR B 773 3.89 -8.22 6.32
C THR B 773 4.69 -9.46 6.72
N PRO B 774 4.16 -10.67 6.51
CA PRO B 774 4.92 -11.88 6.87
C PRO B 774 6.25 -11.96 6.12
N ALA B 775 7.22 -12.58 6.79
CA ALA B 775 8.60 -12.57 6.31
C ALA B 775 8.75 -13.14 4.91
N PRO B 776 8.12 -14.26 4.53
CA PRO B 776 8.25 -14.70 3.13
C PRO B 776 7.75 -13.68 2.14
N CYS B 777 6.66 -12.99 2.45
CA CYS B 777 6.14 -11.96 1.56
C CYS B 777 7.05 -10.75 1.51
N LYS B 778 7.69 -10.40 2.63
CA LYS B 778 8.62 -9.28 2.62
C LYS B 778 9.88 -9.62 1.82
N TYR B 779 10.39 -10.85 1.98
CA TYR B 779 11.50 -11.30 1.14
C TYR B 779 11.11 -11.29 -0.33
N ALA B 780 9.89 -11.75 -0.64
CA ALA B 780 9.43 -11.76 -2.03
C ALA B 780 9.30 -10.36 -2.57
N HIS B 781 8.81 -9.41 -1.75
CA HIS B 781 8.71 -8.02 -2.19
C HIS B 781 10.08 -7.43 -2.45
N LYS B 782 11.05 -7.71 -1.58
CA LYS B 782 12.40 -7.21 -1.83
C LYS B 782 13.00 -7.85 -3.08
N LEU B 783 12.77 -9.14 -3.29
CA LEU B 783 13.25 -9.80 -4.50
C LEU B 783 12.63 -9.17 -5.74
N ALA B 784 11.32 -8.91 -5.69
CA ALA B 784 10.63 -8.30 -6.83
C ALA B 784 11.15 -6.89 -7.07
N PHE B 785 11.35 -6.11 -6.01
CA PHE B 785 11.87 -4.76 -6.15
C PHE B 785 13.29 -4.76 -6.71
N LEU B 786 14.12 -5.68 -6.24
CA LEU B 786 15.49 -5.79 -6.73
C LEU B 786 15.51 -6.20 -8.20
N VAL B 787 14.61 -7.11 -8.59
CA VAL B 787 14.59 -7.61 -9.96
C VAL B 787 14.03 -6.56 -10.91
N GLY B 788 13.00 -5.84 -10.49
CA GLY B 788 12.38 -4.87 -11.39
C GLY B 788 13.14 -3.56 -11.46
N LYS B 789 13.54 -3.04 -10.29
CA LYS B 789 14.22 -1.75 -10.26
C LYS B 789 15.67 -1.86 -10.73
N SER B 790 16.37 -2.93 -10.34
CA SER B 790 17.81 -3.04 -10.52
C SER B 790 18.22 -4.12 -11.52
N LEU B 791 17.89 -5.38 -11.27
CA LEU B 791 18.46 -6.46 -12.08
C LEU B 791 17.81 -6.52 -13.46
N HIS B 792 16.50 -6.36 -13.53
CA HIS B 792 15.70 -6.41 -14.75
C HIS B 792 15.70 -7.79 -15.41
N ARG B 793 16.18 -8.83 -14.71
CA ARG B 793 16.24 -10.17 -15.30
C ARG B 793 16.12 -11.19 -14.16
N ASP B 794 16.49 -12.44 -14.42
CA ASP B 794 16.35 -13.51 -13.45
C ASP B 794 17.68 -13.66 -12.70
N PRO B 795 17.70 -13.56 -11.36
CA PRO B 795 18.96 -13.86 -10.66
C PRO B 795 19.40 -15.29 -10.91
N ALA B 796 20.72 -15.49 -10.92
CA ALA B 796 21.28 -16.79 -11.26
C ALA B 796 20.79 -17.87 -10.31
N HIS B 797 20.58 -19.07 -10.85
CA HIS B 797 20.06 -20.17 -10.05
C HIS B 797 21.04 -20.61 -8.96
N GLU B 798 22.31 -20.22 -9.07
CA GLU B 798 23.29 -20.61 -8.07
C GLU B 798 23.00 -19.96 -6.72
N LEU B 799 22.54 -18.72 -6.73
CA LEU B 799 22.30 -17.96 -5.50
C LEU B 799 20.88 -18.12 -4.97
N SER B 800 20.09 -19.04 -5.53
CA SER B 800 18.70 -19.17 -5.11
C SER B 800 18.61 -19.58 -3.64
N ASP B 801 19.50 -20.46 -3.18
CA ASP B 801 19.46 -20.92 -1.81
C ASP B 801 19.79 -19.79 -0.83
N ARG B 802 20.75 -18.94 -1.18
CA ARG B 802 21.17 -17.85 -0.31
C ARG B 802 20.22 -16.68 -0.42
N LEU B 803 20.05 -15.95 0.69
CA LEU B 803 19.27 -14.71 0.71
C LEU B 803 20.14 -13.56 0.23
N PHE B 804 20.54 -13.65 -1.05
CA PHE B 804 21.44 -12.65 -1.61
C PHE B 804 20.80 -11.26 -1.67
N PHE B 805 19.47 -11.20 -1.61
CA PHE B 805 18.79 -9.93 -1.88
C PHE B 805 18.62 -9.10 -0.61
N LEU B 806 19.00 -9.63 0.54
CA LEU B 806 18.79 -8.95 1.82
C LEU B 806 19.48 -7.58 1.85
#